data_4PVZ
#
_entry.id   4PVZ
#
_cell.length_a   49.470
_cell.length_b   105.320
_cell.length_c   224.990
_cell.angle_alpha   90.00
_cell.angle_beta   90.00
_cell.angle_gamma   90.00
#
_symmetry.space_group_name_H-M   'P 21 21 21'
#
loop_
_entity.id
_entity.type
_entity.pdbx_description
1 polymer 'Importin subunit alpha'
2 polymer 'Inner nuclear membrane protein HEH2'
3 water water
#
loop_
_entity_poly.entity_id
_entity_poly.type
_entity_poly.pdbx_seq_one_letter_code
_entity_poly.pdbx_strand_id
1 'polypeptide(L)'
;ELPQMTQQLNSDDMQEQLSATVKFRQILSREHRPPIDVVIQAGVVPRLVEFMRENQPEMLQLEAAWALTNIASGTSAQTK
VVVDADAVPLFIQLLYTGSVEVKEQAIWALGNVAGDSTDYRDYVLQCNAMEPILGLFNSNKPSLIRTATWTLSNLCRGKK
PQPDWSVVSQALPTLAKLIYSMDTETLVDACWAISYLSDGPQEAIQAVIDVRIPKRLVELLSHESTLVQTPALRAVGNIV
TGNDLQTQVVINAGVLPALRLLLSSPKENIKKEACWTISNITAGNTEQIQAVIDANLIPPLVKLLEVAEYKTKKEACWAI
SNASSGGLQRPDIIRYLVSQGCIKPLCDLLEIADNRIIEVTLDALENILKMGEADKEARGLNINENADFIEKAGGMEKIF
NCQQNENDKIYEKAYKIIETYF
;
A,B
2 'polypeptide(L)' GPLGSTNKRKREQISTDNEAKMQIQEEKSPKKKRKKRSSKANK C,D
#
# COMPACT_ATOMS: atom_id res chain seq x y z
N GLU A 1 12.21 -50.77 -5.94
CA GLU A 1 11.45 -51.97 -6.27
C GLU A 1 10.33 -51.67 -7.27
N LEU A 2 10.56 -50.71 -8.15
CA LEU A 2 9.55 -50.35 -9.15
C LEU A 2 9.25 -51.43 -10.21
N PRO A 3 10.29 -52.13 -10.74
CA PRO A 3 9.94 -53.12 -11.75
C PRO A 3 9.09 -54.29 -11.23
N GLN A 4 9.25 -54.64 -9.94
CA GLN A 4 8.46 -55.74 -9.37
C GLN A 4 7.09 -55.25 -8.91
N MET A 5 7.01 -53.99 -8.49
CA MET A 5 5.71 -53.37 -8.24
C MET A 5 4.88 -53.35 -9.52
N THR A 6 5.54 -52.98 -10.61
CA THR A 6 4.89 -52.90 -11.92
C THR A 6 4.41 -54.27 -12.40
N GLN A 7 5.23 -55.29 -12.19
CA GLN A 7 4.88 -56.65 -12.56
C GLN A 7 3.64 -57.12 -11.77
N GLN A 8 3.60 -56.80 -10.49
CA GLN A 8 2.47 -57.15 -9.64
C GLN A 8 1.19 -56.48 -10.12
N LEU A 9 1.32 -55.26 -10.62
CA LEU A 9 0.19 -54.48 -11.10
C LEU A 9 -0.43 -55.08 -12.36
N ASN A 10 0.40 -55.70 -13.18
CA ASN A 10 -0.05 -56.30 -14.44
C ASN A 10 -0.56 -57.72 -14.26
N SER A 11 -0.47 -58.23 -13.03
CA SER A 11 -0.98 -59.55 -12.71
C SER A 11 -2.48 -59.64 -12.96
N ASP A 12 -2.94 -60.84 -13.28
CA ASP A 12 -4.37 -61.09 -13.52
C ASP A 12 -5.05 -61.41 -12.20
N ASP A 13 -4.23 -61.60 -11.16
CA ASP A 13 -4.72 -61.89 -9.83
C ASP A 13 -5.20 -60.60 -9.14
N MET A 14 -6.42 -60.61 -8.63
CA MET A 14 -7.01 -59.39 -8.06
C MET A 14 -6.29 -58.96 -6.79
N GLN A 15 -5.93 -59.93 -5.96
CA GLN A 15 -5.33 -59.61 -4.67
C GLN A 15 -3.94 -58.98 -4.86
N GLU A 16 -3.25 -59.40 -5.92
CA GLU A 16 -1.95 -58.84 -6.23
C GLU A 16 -2.06 -57.47 -6.90
N GLN A 17 -3.11 -57.28 -7.69
CA GLN A 17 -3.39 -55.98 -8.28
C GLN A 17 -3.59 -54.93 -7.20
N LEU A 18 -4.33 -55.30 -6.16
CA LEU A 18 -4.66 -54.39 -5.09
C LEU A 18 -3.40 -54.05 -4.29
N SER A 19 -2.59 -55.07 -3.99
CA SER A 19 -1.35 -54.86 -3.26
C SER A 19 -0.42 -53.88 -3.96
N ALA A 20 -0.27 -54.06 -5.27
CA ALA A 20 0.55 -53.19 -6.09
C ALA A 20 0.02 -51.77 -6.12
N THR A 21 -1.29 -51.63 -6.24
CA THR A 21 -1.91 -50.32 -6.32
C THR A 21 -1.71 -49.56 -5.01
N VAL A 22 -1.88 -50.26 -3.89
CA VAL A 22 -1.60 -49.66 -2.59
C VAL A 22 -0.14 -49.20 -2.49
N LYS A 23 0.78 -50.02 -2.96
CA LYS A 23 2.19 -49.67 -2.94
C LYS A 23 2.46 -48.41 -3.76
N PHE A 24 1.84 -48.31 -4.93
CA PHE A 24 1.98 -47.12 -5.76
C PHE A 24 1.38 -45.90 -5.07
N ARG A 25 0.20 -46.08 -4.47
CA ARG A 25 -0.45 -44.98 -3.75
C ARG A 25 0.45 -44.48 -2.62
N GLN A 26 1.12 -45.40 -1.95
CA GLN A 26 1.96 -45.04 -0.81
C GLN A 26 3.16 -44.19 -1.20
N ILE A 27 3.86 -44.56 -2.27
CA ILE A 27 5.02 -43.79 -2.71
C ILE A 27 4.60 -42.46 -3.34
N LEU A 28 3.36 -42.40 -3.82
CA LEU A 28 2.84 -41.16 -4.38
C LEU A 28 2.19 -40.31 -3.29
N SER A 29 2.09 -40.89 -2.09
CA SER A 29 1.47 -40.22 -0.95
C SER A 29 2.50 -39.89 0.12
N ARG A 30 3.77 -40.15 -0.19
CA ARG A 30 4.81 -39.99 0.81
C ARG A 30 5.04 -38.53 1.12
N GLU A 31 5.71 -38.30 2.24
CA GLU A 31 5.84 -36.98 2.84
C GLU A 31 6.70 -36.01 2.02
N HIS A 32 7.82 -36.48 1.47
CA HIS A 32 8.78 -35.57 0.86
C HIS A 32 8.61 -35.27 -0.63
N ARG A 33 9.33 -36.00 -1.48
CA ARG A 33 9.19 -35.85 -2.94
C ARG A 33 8.68 -37.09 -3.67
N PRO A 34 7.38 -37.11 -4.00
CA PRO A 34 6.84 -38.25 -4.74
C PRO A 34 7.45 -38.39 -6.12
N PRO A 35 7.80 -39.62 -6.52
CA PRO A 35 8.44 -39.88 -7.80
C PRO A 35 7.44 -39.95 -8.94
N ILE A 36 6.71 -38.87 -9.18
CA ILE A 36 5.65 -38.86 -10.17
C ILE A 36 6.20 -39.19 -11.55
N ASP A 37 7.34 -38.60 -11.89
CA ASP A 37 7.95 -38.82 -13.20
C ASP A 37 8.36 -40.27 -13.38
N VAL A 38 9.02 -40.84 -12.37
CA VAL A 38 9.45 -42.23 -12.39
C VAL A 38 8.26 -43.21 -12.54
N VAL A 39 7.18 -42.96 -11.80
CA VAL A 39 5.99 -43.78 -11.89
C VAL A 39 5.41 -43.75 -13.31
N ILE A 40 5.38 -42.56 -13.92
CA ILE A 40 4.92 -42.42 -15.29
C ILE A 40 5.84 -43.20 -16.25
N GLN A 41 7.14 -43.17 -15.98
CA GLN A 41 8.12 -43.89 -16.78
C GLN A 41 7.80 -45.38 -16.85
N ALA A 42 7.22 -45.89 -15.77
CA ALA A 42 6.91 -47.31 -15.66
C ALA A 42 5.76 -47.69 -16.60
N GLY A 43 5.04 -46.69 -17.07
CA GLY A 43 3.96 -46.90 -18.03
C GLY A 43 2.73 -47.49 -17.37
N VAL A 44 2.59 -47.28 -16.06
CA VAL A 44 1.50 -47.91 -15.30
C VAL A 44 0.22 -47.07 -15.24
N VAL A 45 0.27 -45.84 -15.76
CA VAL A 45 -0.90 -44.96 -15.70
C VAL A 45 -2.11 -45.54 -16.46
N PRO A 46 -1.92 -46.06 -17.69
CA PRO A 46 -3.09 -46.67 -18.34
C PRO A 46 -3.70 -47.80 -17.52
N ARG A 47 -2.85 -48.60 -16.89
CA ARG A 47 -3.29 -49.70 -16.05
C ARG A 47 -4.05 -49.20 -14.83
N LEU A 48 -3.51 -48.16 -14.19
CA LEU A 48 -4.19 -47.55 -13.06
C LEU A 48 -5.58 -47.06 -13.42
N VAL A 49 -5.73 -46.55 -14.64
CA VAL A 49 -7.03 -46.09 -15.12
C VAL A 49 -7.99 -47.28 -15.29
N GLU A 50 -7.48 -48.41 -15.77
CA GLU A 50 -8.30 -49.62 -15.91
C GLU A 50 -8.96 -50.01 -14.59
N PHE A 51 -8.28 -49.72 -13.49
CA PHE A 51 -8.74 -50.13 -12.17
C PHE A 51 -9.90 -49.24 -11.67
N MET A 52 -10.32 -48.27 -12.48
CA MET A 52 -11.43 -47.42 -12.12
C MET A 52 -12.72 -47.75 -12.88
N ARG A 53 -12.65 -48.71 -13.80
CA ARG A 53 -13.82 -49.15 -14.57
C ARG A 53 -14.89 -49.77 -13.67
N GLU A 54 -16.15 -49.71 -14.10
CA GLU A 54 -17.27 -49.93 -13.20
C GLU A 54 -17.34 -51.32 -12.59
N ASN A 55 -16.74 -52.32 -13.20
CA ASN A 55 -16.84 -53.64 -12.61
C ASN A 55 -15.63 -54.01 -11.76
N GLN A 56 -14.74 -53.05 -11.54
CA GLN A 56 -13.63 -53.28 -10.65
C GLN A 56 -14.11 -53.15 -9.21
N PRO A 57 -13.50 -53.91 -8.29
CA PRO A 57 -13.86 -53.80 -6.87
C PRO A 57 -13.61 -52.39 -6.36
N GLU A 58 -14.47 -51.93 -5.46
CA GLU A 58 -14.41 -50.57 -4.96
C GLU A 58 -13.03 -50.19 -4.43
N MET A 59 -12.40 -51.11 -3.70
CA MET A 59 -11.14 -50.82 -3.04
C MET A 59 -10.03 -50.59 -4.05
N LEU A 60 -10.08 -51.34 -5.15
CA LEU A 60 -9.13 -51.17 -6.24
C LEU A 60 -9.37 -49.82 -6.92
N GLN A 61 -10.64 -49.49 -7.10
CA GLN A 61 -11.05 -48.20 -7.63
C GLN A 61 -10.52 -47.06 -6.76
N LEU A 62 -10.78 -47.16 -5.46
CA LEU A 62 -10.36 -46.16 -4.50
C LEU A 62 -8.86 -45.95 -4.55
N GLU A 63 -8.10 -47.03 -4.39
CA GLU A 63 -6.65 -46.95 -4.37
C GLU A 63 -6.08 -46.43 -5.69
N ALA A 64 -6.63 -46.89 -6.81
CA ALA A 64 -6.15 -46.42 -8.11
C ALA A 64 -6.41 -44.93 -8.32
N ALA A 65 -7.59 -44.47 -7.92
CA ALA A 65 -7.97 -43.07 -8.06
C ALA A 65 -7.09 -42.15 -7.19
N TRP A 66 -6.73 -42.63 -6.00
CA TRP A 66 -5.83 -41.91 -5.11
C TRP A 66 -4.47 -41.72 -5.76
N ALA A 67 -3.93 -42.79 -6.33
CA ALA A 67 -2.65 -42.72 -7.04
C ALA A 67 -2.74 -41.73 -8.21
N LEU A 68 -3.85 -41.78 -8.94
CA LEU A 68 -4.04 -40.91 -10.08
C LEU A 68 -4.30 -39.47 -9.64
N THR A 69 -4.89 -39.31 -8.47
CA THR A 69 -5.08 -37.97 -7.88
C THR A 69 -3.73 -37.28 -7.70
N ASN A 70 -2.78 -37.99 -7.11
CA ASN A 70 -1.49 -37.41 -6.79
C ASN A 70 -0.59 -37.20 -8.00
N ILE A 71 -0.67 -38.10 -8.97
CA ILE A 71 0.05 -37.90 -10.25
C ILE A 71 -0.47 -36.64 -10.93
N ALA A 72 -1.77 -36.40 -10.82
CA ALA A 72 -2.41 -35.23 -11.43
C ALA A 72 -2.16 -33.95 -10.64
N SER A 73 -1.60 -34.10 -9.44
CA SER A 73 -1.36 -32.95 -8.57
C SER A 73 -0.05 -32.22 -8.88
N GLY A 74 0.77 -32.78 -9.77
CA GLY A 74 2.07 -32.21 -10.10
C GLY A 74 2.03 -31.17 -11.21
N THR A 75 3.02 -31.20 -12.09
CA THR A 75 3.09 -30.26 -13.22
C THR A 75 2.01 -30.56 -14.26
N SER A 76 1.81 -29.62 -15.17
CA SER A 76 0.88 -29.79 -16.27
C SER A 76 1.23 -30.99 -17.16
N ALA A 77 2.53 -31.23 -17.34
CA ALA A 77 3.00 -32.35 -18.14
C ALA A 77 2.55 -33.67 -17.53
N GLN A 78 2.57 -33.73 -16.20
CA GLN A 78 2.19 -34.94 -15.48
C GLN A 78 0.67 -35.11 -15.42
N THR A 79 -0.04 -34.00 -15.28
CA THR A 79 -1.50 -34.03 -15.31
C THR A 79 -1.97 -34.46 -16.69
N LYS A 80 -1.21 -34.07 -17.71
CA LYS A 80 -1.53 -34.41 -19.10
C LYS A 80 -1.51 -35.92 -19.30
N VAL A 81 -0.64 -36.61 -18.58
CA VAL A 81 -0.55 -38.06 -18.72
C VAL A 81 -1.84 -38.71 -18.23
N VAL A 82 -2.35 -38.19 -17.13
CA VAL A 82 -3.60 -38.68 -16.56
C VAL A 82 -4.76 -38.39 -17.49
N VAL A 83 -4.82 -37.15 -17.97
CA VAL A 83 -5.90 -36.73 -18.87
C VAL A 83 -5.88 -37.51 -20.18
N ASP A 84 -4.71 -37.59 -20.81
CA ASP A 84 -4.57 -38.34 -22.06
C ASP A 84 -4.83 -39.84 -21.89
N ALA A 85 -4.80 -40.34 -20.66
CA ALA A 85 -5.11 -41.74 -20.42
C ALA A 85 -6.61 -41.95 -20.19
N ASP A 86 -7.40 -40.90 -20.46
CA ASP A 86 -8.87 -40.94 -20.35
C ASP A 86 -9.38 -41.25 -18.95
N ALA A 87 -8.67 -40.77 -17.94
CA ALA A 87 -9.09 -40.99 -16.56
C ALA A 87 -10.33 -40.19 -16.18
N VAL A 88 -10.52 -39.02 -16.79
CA VAL A 88 -11.55 -38.09 -16.33
C VAL A 88 -12.98 -38.62 -16.48
N PRO A 89 -13.34 -39.22 -17.64
CA PRO A 89 -14.70 -39.79 -17.64
C PRO A 89 -14.92 -40.87 -16.58
N LEU A 90 -13.85 -41.58 -16.19
CA LEU A 90 -13.96 -42.60 -15.16
C LEU A 90 -14.09 -41.97 -13.77
N PHE A 91 -13.34 -40.90 -13.52
CA PHE A 91 -13.50 -40.13 -12.29
C PHE A 91 -14.95 -39.69 -12.12
N ILE A 92 -15.54 -39.20 -13.21
CA ILE A 92 -16.91 -38.71 -13.18
C ILE A 92 -17.91 -39.82 -12.91
N GLN A 93 -17.69 -40.98 -13.51
CA GLN A 93 -18.53 -42.17 -13.27
C GLN A 93 -18.55 -42.53 -11.79
N LEU A 94 -17.38 -42.48 -11.16
CA LEU A 94 -17.23 -42.85 -9.76
C LEU A 94 -18.03 -41.95 -8.83
N LEU A 95 -18.28 -40.71 -9.27
CA LEU A 95 -19.08 -39.75 -8.51
C LEU A 95 -20.52 -40.23 -8.33
N TYR A 96 -20.98 -41.07 -9.26
CA TYR A 96 -22.30 -41.69 -9.20
C TYR A 96 -22.28 -42.98 -8.38
N THR A 97 -21.39 -43.89 -8.78
CA THR A 97 -21.43 -45.27 -8.30
C THR A 97 -20.67 -45.49 -7.00
N GLY A 98 -19.69 -44.65 -6.72
CA GLY A 98 -18.78 -44.89 -5.63
C GLY A 98 -19.38 -44.73 -4.24
N SER A 99 -18.72 -45.31 -3.25
CA SER A 99 -19.00 -45.00 -1.87
C SER A 99 -18.62 -43.54 -1.62
N VAL A 100 -18.92 -43.04 -0.43
CA VAL A 100 -18.51 -41.68 -0.12
C VAL A 100 -16.99 -41.54 -0.23
N GLU A 101 -16.27 -42.54 0.25
CA GLU A 101 -14.81 -42.58 0.11
C GLU A 101 -14.36 -42.43 -1.34
N VAL A 102 -14.95 -43.22 -2.24
CA VAL A 102 -14.57 -43.20 -3.64
C VAL A 102 -14.96 -41.87 -4.27
N LYS A 103 -16.16 -41.40 -3.93
CA LYS A 103 -16.62 -40.09 -4.39
C LYS A 103 -15.61 -39.00 -4.03
N GLU A 104 -15.19 -38.97 -2.77
CA GLU A 104 -14.30 -37.93 -2.29
C GLU A 104 -12.93 -38.00 -2.98
N GLN A 105 -12.49 -39.20 -3.30
CA GLN A 105 -11.22 -39.37 -3.99
C GLN A 105 -11.33 -38.90 -5.44
N ALA A 106 -12.41 -39.31 -6.10
CA ALA A 106 -12.66 -38.92 -7.48
C ALA A 106 -12.85 -37.41 -7.65
N ILE A 107 -13.56 -36.76 -6.72
CA ILE A 107 -13.78 -35.32 -6.84
C ILE A 107 -12.47 -34.56 -6.58
N TRP A 108 -11.57 -35.17 -5.81
CA TRP A 108 -10.26 -34.60 -5.55
C TRP A 108 -9.44 -34.58 -6.84
N ALA A 109 -9.38 -35.72 -7.51
CA ALA A 109 -8.68 -35.86 -8.78
C ALA A 109 -9.19 -34.83 -9.79
N LEU A 110 -10.51 -34.72 -9.88
CA LEU A 110 -11.14 -33.80 -10.81
C LEU A 110 -10.75 -32.36 -10.49
N GLY A 111 -10.63 -32.06 -9.21
CA GLY A 111 -10.14 -30.76 -8.78
C GLY A 111 -8.75 -30.43 -9.31
N ASN A 112 -7.87 -31.42 -9.26
CA ASN A 112 -6.49 -31.23 -9.73
C ASN A 112 -6.41 -31.02 -11.23
N VAL A 113 -7.18 -31.80 -11.97
CA VAL A 113 -7.25 -31.64 -13.43
C VAL A 113 -7.79 -30.25 -13.79
N ALA A 114 -8.88 -29.86 -13.13
CA ALA A 114 -9.54 -28.59 -13.42
C ALA A 114 -8.67 -27.40 -13.05
N GLY A 115 -7.92 -27.54 -11.97
CA GLY A 115 -7.07 -26.46 -11.51
C GLY A 115 -5.80 -26.28 -12.31
N ASP A 116 -5.58 -27.14 -13.30
CA ASP A 116 -4.36 -27.11 -14.09
C ASP A 116 -4.33 -26.02 -15.15
N SER A 117 -5.43 -25.86 -15.86
CA SER A 117 -5.51 -24.89 -16.95
C SER A 117 -6.96 -24.67 -17.31
N THR A 118 -7.25 -23.59 -18.01
CA THR A 118 -8.61 -23.30 -18.44
C THR A 118 -9.12 -24.37 -19.39
N ASP A 119 -8.22 -24.94 -20.19
CA ASP A 119 -8.60 -25.98 -21.13
C ASP A 119 -9.06 -27.23 -20.38
N TYR A 120 -8.34 -27.59 -19.34
CA TYR A 120 -8.67 -28.79 -18.58
C TYR A 120 -9.88 -28.56 -17.71
N ARG A 121 -10.02 -27.34 -17.19
CA ARG A 121 -11.22 -26.93 -16.49
C ARG A 121 -12.44 -27.13 -17.38
N ASP A 122 -12.37 -26.58 -18.58
CA ASP A 122 -13.47 -26.68 -19.53
C ASP A 122 -13.72 -28.10 -20.00
N TYR A 123 -12.66 -28.89 -20.11
CA TYR A 123 -12.76 -30.29 -20.51
C TYR A 123 -13.60 -31.08 -19.51
N VAL A 124 -13.33 -30.88 -18.23
CA VAL A 124 -14.09 -31.54 -17.18
C VAL A 124 -15.58 -31.23 -17.31
N LEU A 125 -15.89 -29.98 -17.59
CA LEU A 125 -17.28 -29.56 -17.73
C LEU A 125 -17.92 -30.12 -19.01
N GLN A 126 -17.15 -30.18 -20.09
CA GLN A 126 -17.64 -30.78 -21.33
C GLN A 126 -17.98 -32.26 -21.15
N CYS A 127 -17.34 -32.90 -20.18
CA CYS A 127 -17.61 -34.31 -19.88
C CYS A 127 -18.80 -34.47 -18.94
N ASN A 128 -19.54 -33.39 -18.73
CA ASN A 128 -20.78 -33.39 -17.96
C ASN A 128 -20.58 -33.77 -16.49
N ALA A 129 -19.54 -33.20 -15.88
CA ALA A 129 -19.24 -33.43 -14.48
C ALA A 129 -20.16 -32.69 -13.51
N MET A 130 -20.82 -31.64 -13.99
CA MET A 130 -21.55 -30.76 -13.07
C MET A 130 -22.69 -31.48 -12.39
N GLU A 131 -23.43 -32.30 -13.14
CA GLU A 131 -24.58 -32.99 -12.56
C GLU A 131 -24.21 -33.90 -11.39
N PRO A 132 -23.25 -34.85 -11.57
CA PRO A 132 -22.95 -35.68 -10.41
C PRO A 132 -22.24 -34.91 -9.30
N ILE A 133 -21.53 -33.85 -9.66
CA ILE A 133 -20.83 -33.04 -8.68
C ILE A 133 -21.83 -32.36 -7.76
N LEU A 134 -22.86 -31.75 -8.34
CA LEU A 134 -23.90 -31.11 -7.53
C LEU A 134 -24.53 -32.12 -6.58
N GLY A 135 -24.68 -33.36 -7.07
CA GLY A 135 -25.20 -34.45 -6.27
C GLY A 135 -24.46 -34.69 -4.96
N LEU A 136 -23.14 -34.46 -4.97
CA LEU A 136 -22.29 -34.75 -3.82
C LEU A 136 -22.68 -33.94 -2.59
N PHE A 137 -23.35 -32.81 -2.80
CA PHE A 137 -23.65 -31.89 -1.71
C PHE A 137 -24.89 -32.27 -0.91
N ASN A 138 -25.55 -33.35 -1.35
CA ASN A 138 -26.66 -33.94 -0.61
C ASN A 138 -26.14 -34.86 0.48
N SER A 139 -24.86 -35.19 0.38
CA SER A 139 -24.15 -35.91 1.42
C SER A 139 -24.04 -35.06 2.67
N ASN A 140 -23.81 -35.69 3.82
CA ASN A 140 -23.62 -34.93 5.04
C ASN A 140 -22.23 -35.15 5.63
N LYS A 141 -21.33 -35.71 4.84
CA LYS A 141 -19.96 -35.88 5.28
C LYS A 141 -19.17 -34.60 5.03
N PRO A 142 -18.68 -33.96 6.10
CA PRO A 142 -17.93 -32.71 6.03
C PRO A 142 -16.78 -32.76 5.04
N SER A 143 -15.99 -33.82 5.07
CA SER A 143 -14.80 -33.89 4.24
C SER A 143 -15.14 -34.00 2.74
N LEU A 144 -16.23 -34.68 2.42
CA LEU A 144 -16.68 -34.76 1.03
C LEU A 144 -17.12 -33.39 0.52
N ILE A 145 -17.97 -32.72 1.32
CA ILE A 145 -18.43 -31.37 1.01
C ILE A 145 -17.24 -30.43 0.83
N ARG A 146 -16.34 -30.46 1.79
CA ARG A 146 -15.16 -29.60 1.80
C ARG A 146 -14.37 -29.76 0.50
N THR A 147 -14.03 -31.01 0.19
CA THR A 147 -13.26 -31.30 -1.02
C THR A 147 -14.01 -30.93 -2.29
N ALA A 148 -15.28 -31.28 -2.34
CA ALA A 148 -16.10 -31.01 -3.51
C ALA A 148 -16.22 -29.51 -3.77
N THR A 149 -16.34 -28.72 -2.71
CA THR A 149 -16.47 -27.28 -2.85
C THR A 149 -15.19 -26.70 -3.46
N TRP A 150 -14.05 -27.24 -3.03
CA TRP A 150 -12.78 -26.85 -3.60
C TRP A 150 -12.75 -27.17 -5.09
N THR A 151 -13.23 -28.35 -5.45
CA THR A 151 -13.25 -28.72 -6.87
C THR A 151 -14.23 -27.83 -7.64
N LEU A 152 -15.41 -27.60 -7.08
CA LEU A 152 -16.39 -26.73 -7.70
C LEU A 152 -15.83 -25.34 -7.89
N SER A 153 -15.05 -24.88 -6.92
CA SER A 153 -14.42 -23.57 -6.99
C SER A 153 -13.39 -23.49 -8.11
N ASN A 154 -12.61 -24.55 -8.30
CA ASN A 154 -11.67 -24.61 -9.41
C ASN A 154 -12.36 -24.56 -10.76
N LEU A 155 -13.58 -25.07 -10.81
CA LEU A 155 -14.37 -25.09 -12.04
C LEU A 155 -14.92 -23.72 -12.41
N CYS A 156 -15.30 -22.95 -11.41
CA CYS A 156 -15.76 -21.58 -11.53
C CYS A 156 -14.69 -20.60 -11.89
N ARG A 157 -13.49 -20.94 -11.50
CA ARG A 157 -12.32 -20.15 -11.60
C ARG A 157 -11.77 -19.89 -12.99
N GLY A 158 -11.19 -18.72 -13.15
CA GLY A 158 -10.58 -18.26 -14.37
C GLY A 158 -11.36 -17.34 -15.27
N LYS A 159 -10.60 -16.47 -15.88
CA LYS A 159 -11.11 -15.45 -16.79
C LYS A 159 -10.66 -15.48 -18.25
N LYS A 160 -9.53 -16.07 -18.50
CA LYS A 160 -8.90 -16.04 -19.81
C LYS A 160 -8.89 -17.41 -20.48
N PRO A 161 -10.05 -17.90 -20.95
CA PRO A 161 -11.41 -17.35 -20.97
C PRO A 161 -12.23 -17.84 -19.78
N GLN A 162 -13.33 -17.16 -19.48
CA GLN A 162 -14.24 -17.64 -18.45
C GLN A 162 -14.87 -18.96 -18.87
N PRO A 163 -15.32 -19.77 -17.89
CA PRO A 163 -15.97 -21.05 -18.21
C PRO A 163 -17.38 -20.87 -18.77
N ASP A 164 -17.94 -21.95 -19.30
CA ASP A 164 -19.31 -21.98 -19.82
C ASP A 164 -20.30 -21.57 -18.76
N TRP A 165 -20.91 -20.41 -18.94
CA TRP A 165 -21.83 -19.88 -17.94
C TRP A 165 -23.07 -20.75 -17.80
N SER A 166 -23.53 -21.31 -18.91
CA SER A 166 -24.72 -22.17 -18.89
C SER A 166 -24.50 -23.38 -17.98
N VAL A 167 -23.24 -23.75 -17.77
CA VAL A 167 -22.91 -24.86 -16.88
C VAL A 167 -22.61 -24.43 -15.44
N VAL A 168 -21.71 -23.47 -15.26
CA VAL A 168 -21.29 -23.13 -13.90
C VAL A 168 -22.38 -22.41 -13.11
N SER A 169 -23.31 -21.78 -13.80
CA SER A 169 -24.39 -21.06 -13.13
C SER A 169 -25.35 -22.02 -12.43
N GLN A 170 -25.30 -23.29 -12.81
CA GLN A 170 -26.12 -24.32 -12.18
C GLN A 170 -25.70 -24.58 -10.74
N ALA A 171 -24.49 -24.18 -10.38
CA ALA A 171 -23.99 -24.42 -9.03
C ALA A 171 -24.44 -23.35 -8.03
N LEU A 172 -25.10 -22.31 -8.53
CA LEU A 172 -25.44 -21.17 -7.68
C LEU A 172 -26.37 -21.49 -6.51
N PRO A 173 -27.44 -22.28 -6.73
CA PRO A 173 -28.24 -22.64 -5.56
C PRO A 173 -27.46 -23.41 -4.50
N THR A 174 -26.56 -24.30 -4.93
CA THR A 174 -25.70 -25.04 -4.01
C THR A 174 -24.79 -24.09 -3.25
N LEU A 175 -24.15 -23.18 -3.97
CA LEU A 175 -23.25 -22.21 -3.36
C LEU A 175 -24.01 -21.31 -2.37
N ALA A 176 -25.27 -20.99 -2.67
CA ALA A 176 -26.06 -20.14 -1.78
C ALA A 176 -26.24 -20.81 -0.42
N LYS A 177 -26.46 -22.12 -0.44
CA LYS A 177 -26.54 -22.87 0.80
C LYS A 177 -25.17 -23.01 1.42
N LEU A 178 -24.16 -23.25 0.60
CA LEU A 178 -22.82 -23.53 1.10
C LEU A 178 -22.20 -22.38 1.91
N ILE A 179 -22.61 -21.14 1.64
CA ILE A 179 -22.06 -20.02 2.40
C ILE A 179 -22.79 -19.82 3.73
N TYR A 180 -23.63 -20.80 4.09
CA TYR A 180 -24.22 -20.85 5.42
C TYR A 180 -23.54 -21.92 6.26
N SER A 181 -22.55 -22.60 5.67
CA SER A 181 -21.85 -23.68 6.34
C SER A 181 -21.11 -23.23 7.60
N MET A 182 -20.92 -24.16 8.52
CA MET A 182 -20.18 -23.87 9.75
C MET A 182 -18.73 -24.31 9.60
N ASP A 183 -18.43 -24.99 8.49
CA ASP A 183 -17.06 -25.40 8.22
C ASP A 183 -16.34 -24.27 7.49
N THR A 184 -15.36 -23.67 8.17
CA THR A 184 -14.64 -22.52 7.65
C THR A 184 -14.04 -22.75 6.25
N GLU A 185 -13.44 -23.92 6.04
CA GLU A 185 -12.83 -24.22 4.74
C GLU A 185 -13.88 -24.25 3.64
N THR A 186 -15.01 -24.88 3.91
CA THR A 186 -16.12 -24.88 2.97
C THR A 186 -16.60 -23.45 2.70
N LEU A 187 -16.77 -22.66 3.76
CA LEU A 187 -17.11 -21.25 3.62
C LEU A 187 -16.22 -20.50 2.66
N VAL A 188 -14.91 -20.53 2.96
CA VAL A 188 -13.92 -19.79 2.20
C VAL A 188 -14.00 -20.17 0.73
N ASP A 189 -14.00 -21.45 0.43
CA ASP A 189 -14.05 -21.88 -0.93
C ASP A 189 -15.32 -21.54 -1.68
N ALA A 190 -16.46 -21.58 -1.02
CA ALA A 190 -17.71 -21.24 -1.66
C ALA A 190 -17.76 -19.75 -1.99
N CYS A 191 -17.24 -18.92 -1.09
CA CYS A 191 -17.16 -17.47 -1.32
C CYS A 191 -16.26 -17.18 -2.51
N TRP A 192 -15.16 -17.90 -2.59
CA TRP A 192 -14.26 -17.74 -3.73
C TRP A 192 -14.98 -18.06 -5.03
N ALA A 193 -15.69 -19.19 -5.06
CA ALA A 193 -16.45 -19.58 -6.24
C ALA A 193 -17.44 -18.49 -6.61
N ILE A 194 -18.17 -18.00 -5.62
CA ILE A 194 -19.17 -16.96 -5.85
C ILE A 194 -18.50 -15.69 -6.35
N SER A 195 -17.32 -15.37 -5.84
CA SER A 195 -16.62 -14.17 -6.28
C SER A 195 -16.27 -14.29 -7.76
N TYR A 196 -15.95 -15.50 -8.20
CA TYR A 196 -15.67 -15.76 -9.61
C TYR A 196 -16.90 -15.59 -10.49
N LEU A 197 -18.01 -16.17 -10.05
CA LEU A 197 -19.24 -16.18 -10.84
C LEU A 197 -19.90 -14.80 -10.92
N SER A 198 -19.62 -13.95 -9.93
CA SER A 198 -20.23 -12.64 -9.85
C SER A 198 -19.45 -11.62 -10.70
N ASP A 199 -18.28 -12.01 -11.18
CA ASP A 199 -17.50 -11.18 -12.08
C ASP A 199 -17.93 -11.44 -13.52
N GLY A 200 -18.79 -10.58 -14.04
CA GLY A 200 -19.37 -10.79 -15.34
C GLY A 200 -20.45 -9.77 -15.68
N PRO A 201 -21.21 -10.04 -16.76
CA PRO A 201 -22.23 -9.11 -17.25
C PRO A 201 -23.47 -9.07 -16.38
N GLN A 202 -24.47 -8.31 -16.80
CA GLN A 202 -25.73 -8.14 -16.06
C GLN A 202 -26.40 -9.46 -15.62
N GLU A 203 -26.41 -10.45 -16.51
CA GLU A 203 -27.08 -11.72 -16.24
C GLU A 203 -26.38 -12.54 -15.14
N ALA A 204 -25.06 -12.45 -15.04
CA ALA A 204 -24.33 -13.20 -14.01
C ALA A 204 -24.62 -12.64 -12.62
N ILE A 205 -24.55 -11.32 -12.51
CA ILE A 205 -24.87 -10.63 -11.27
C ILE A 205 -26.31 -10.90 -10.86
N GLN A 206 -27.22 -10.88 -11.84
CA GLN A 206 -28.61 -11.11 -11.53
C GLN A 206 -28.84 -12.53 -11.02
N ALA A 207 -28.16 -13.49 -11.63
CA ALA A 207 -28.25 -14.87 -11.19
C ALA A 207 -27.81 -15.03 -9.73
N VAL A 208 -26.75 -14.32 -9.35
CA VAL A 208 -26.24 -14.37 -7.98
C VAL A 208 -27.23 -13.71 -7.02
N ILE A 209 -27.84 -12.61 -7.46
CA ILE A 209 -28.87 -11.94 -6.68
C ILE A 209 -30.12 -12.81 -6.50
N ASP A 210 -30.52 -13.52 -7.55
CA ASP A 210 -31.78 -14.26 -7.58
C ASP A 210 -31.84 -15.43 -6.60
N VAL A 211 -30.68 -15.97 -6.24
CA VAL A 211 -30.62 -17.02 -5.24
C VAL A 211 -30.31 -16.44 -3.86
N ARG A 212 -30.52 -15.13 -3.73
CA ARG A 212 -30.44 -14.41 -2.45
C ARG A 212 -29.10 -14.53 -1.73
N ILE A 213 -28.04 -14.65 -2.51
CA ILE A 213 -26.68 -14.67 -1.98
C ILE A 213 -26.22 -13.34 -1.32
N PRO A 214 -26.59 -12.16 -1.88
CA PRO A 214 -26.07 -10.91 -1.30
C PRO A 214 -26.27 -10.72 0.22
N LYS A 215 -27.44 -11.04 0.74
CA LYS A 215 -27.70 -10.88 2.17
C LYS A 215 -26.65 -11.58 3.02
N ARG A 216 -26.39 -12.84 2.70
CA ARG A 216 -25.43 -13.63 3.45
C ARG A 216 -23.99 -13.12 3.25
N LEU A 217 -23.69 -12.66 2.03
CA LEU A 217 -22.39 -12.08 1.75
C LEU A 217 -22.08 -10.89 2.66
N VAL A 218 -23.05 -10.00 2.82
CA VAL A 218 -22.85 -8.82 3.63
C VAL A 218 -22.65 -9.22 5.11
N GLU A 219 -23.37 -10.24 5.56
CA GLU A 219 -23.17 -10.81 6.91
C GLU A 219 -21.74 -11.33 7.11
N LEU A 220 -21.22 -12.01 6.10
CA LEU A 220 -19.90 -12.60 6.17
C LEU A 220 -18.79 -11.56 6.13
N LEU A 221 -19.14 -10.30 5.85
CA LEU A 221 -18.18 -9.21 5.84
C LEU A 221 -17.64 -8.95 7.24
N SER A 222 -18.39 -9.38 8.24
CA SER A 222 -17.99 -9.20 9.63
C SER A 222 -17.56 -10.51 10.25
N HIS A 223 -17.11 -11.45 9.42
CA HIS A 223 -16.56 -12.71 9.93
C HIS A 223 -15.22 -12.46 10.60
N GLU A 224 -14.85 -13.25 11.57
CA GLU A 224 -13.62 -13.03 12.30
C GLU A 224 -12.43 -13.10 11.38
N SER A 225 -12.48 -13.98 10.41
CA SER A 225 -11.31 -14.28 9.59
C SER A 225 -11.27 -13.53 8.27
N THR A 226 -10.12 -12.93 7.98
CA THR A 226 -9.95 -12.21 6.73
C THR A 226 -9.94 -13.18 5.55
N LEU A 227 -9.84 -14.47 5.85
CA LEU A 227 -9.89 -15.50 4.81
C LEU A 227 -11.31 -15.62 4.28
N VAL A 228 -12.28 -15.22 5.10
CA VAL A 228 -13.67 -15.18 4.69
C VAL A 228 -14.05 -13.80 4.16
N GLN A 229 -13.63 -12.77 4.87
CA GLN A 229 -13.93 -11.40 4.47
C GLN A 229 -13.47 -11.10 3.06
N THR A 230 -12.26 -11.56 2.73
CA THR A 230 -11.66 -11.22 1.44
C THR A 230 -12.54 -11.70 0.27
N PRO A 231 -12.83 -13.02 0.16
CA PRO A 231 -13.62 -13.41 -1.01
C PRO A 231 -15.05 -12.91 -0.96
N ALA A 232 -15.60 -12.78 0.24
CA ALA A 232 -16.96 -12.26 0.38
C ALA A 232 -17.00 -10.82 -0.10
N LEU A 233 -16.05 -10.01 0.36
CA LEU A 233 -15.98 -8.62 -0.07
C LEU A 233 -15.75 -8.51 -1.58
N ARG A 234 -14.92 -9.39 -2.14
CA ARG A 234 -14.68 -9.39 -3.58
C ARG A 234 -15.98 -9.64 -4.37
N ALA A 235 -16.80 -10.57 -3.88
CA ALA A 235 -18.09 -10.86 -4.52
C ALA A 235 -19.06 -9.69 -4.38
N VAL A 236 -19.15 -9.14 -3.17
CA VAL A 236 -19.99 -7.99 -2.90
C VAL A 236 -19.60 -6.83 -3.81
N GLY A 237 -18.29 -6.58 -3.89
CA GLY A 237 -17.75 -5.56 -4.78
C GLY A 237 -18.16 -5.79 -6.22
N ASN A 238 -18.02 -7.03 -6.68
CA ASN A 238 -18.44 -7.39 -8.04
C ASN A 238 -19.90 -7.10 -8.30
N ILE A 239 -20.76 -7.32 -7.31
CA ILE A 239 -22.18 -7.16 -7.56
C ILE A 239 -22.54 -5.70 -7.81
N VAL A 240 -21.97 -4.78 -7.02
CA VAL A 240 -22.28 -3.34 -7.14
C VAL A 240 -21.55 -2.72 -8.32
N THR A 241 -20.91 -3.57 -9.09
CA THR A 241 -20.38 -3.23 -10.38
C THR A 241 -21.55 -3.19 -11.37
N GLY A 242 -22.71 -3.72 -10.95
CA GLY A 242 -23.89 -3.78 -11.78
C GLY A 242 -24.69 -2.49 -11.86
N ASN A 243 -25.90 -2.57 -12.43
CA ASN A 243 -26.74 -1.38 -12.61
C ASN A 243 -27.32 -0.90 -11.27
N ASP A 244 -28.05 0.20 -11.29
CA ASP A 244 -28.55 0.84 -10.07
C ASP A 244 -29.51 -0.04 -9.27
N LEU A 245 -30.31 -0.83 -9.97
CA LEU A 245 -31.25 -1.74 -9.30
C LEU A 245 -30.50 -2.84 -8.55
N GLN A 246 -29.55 -3.47 -9.23
CA GLN A 246 -28.75 -4.53 -8.63
C GLN A 246 -27.91 -4.01 -7.47
N THR A 247 -27.37 -2.81 -7.60
CA THR A 247 -26.59 -2.20 -6.53
C THR A 247 -27.47 -1.94 -5.31
N GLN A 248 -28.73 -1.57 -5.54
CA GLN A 248 -29.67 -1.30 -4.46
C GLN A 248 -29.95 -2.55 -3.61
N VAL A 249 -29.87 -3.73 -4.23
CA VAL A 249 -30.06 -4.98 -3.50
C VAL A 249 -28.99 -5.12 -2.40
N VAL A 250 -27.75 -4.78 -2.75
CA VAL A 250 -26.63 -4.88 -1.81
C VAL A 250 -26.75 -3.83 -0.71
N ILE A 251 -27.16 -2.62 -1.09
CA ILE A 251 -27.39 -1.57 -0.11
C ILE A 251 -28.47 -1.96 0.87
N ASN A 252 -29.58 -2.49 0.34
CA ASN A 252 -30.68 -2.91 1.19
C ASN A 252 -30.26 -4.07 2.10
N ALA A 253 -29.20 -4.78 1.72
CA ALA A 253 -28.68 -5.87 2.53
C ALA A 253 -27.71 -5.37 3.60
N GLY A 254 -27.58 -4.04 3.71
CA GLY A 254 -26.81 -3.44 4.78
C GLY A 254 -25.32 -3.40 4.54
N VAL A 255 -24.91 -3.25 3.29
CA VAL A 255 -23.49 -3.27 2.98
C VAL A 255 -22.77 -2.04 3.53
N LEU A 256 -23.47 -0.92 3.66
CA LEU A 256 -22.80 0.34 4.01
C LEU A 256 -22.23 0.37 5.44
N PRO A 257 -23.02 -0.01 6.47
CA PRO A 257 -22.44 -0.12 7.81
C PRO A 257 -21.31 -1.14 7.86
N ALA A 258 -21.42 -2.18 7.04
CA ALA A 258 -20.41 -3.22 7.01
C ALA A 258 -19.10 -2.67 6.44
N LEU A 259 -19.20 -1.81 5.43
CA LEU A 259 -18.02 -1.24 4.79
C LEU A 259 -17.29 -0.27 5.70
N ARG A 260 -18.03 0.29 6.63
CA ARG A 260 -17.50 1.26 7.58
C ARG A 260 -16.38 0.63 8.40
N LEU A 261 -16.59 -0.61 8.81
CA LEU A 261 -15.60 -1.34 9.59
C LEU A 261 -14.42 -1.74 8.71
N LEU A 262 -14.71 -2.15 7.48
CA LEU A 262 -13.68 -2.65 6.58
C LEU A 262 -12.66 -1.57 6.18
N LEU A 263 -13.08 -0.32 6.27
CA LEU A 263 -12.19 0.80 5.93
C LEU A 263 -10.98 0.91 6.88
N SER A 264 -11.04 0.23 8.02
CA SER A 264 -9.97 0.25 9.02
C SER A 264 -9.06 -0.96 8.94
N SER A 265 -9.33 -1.87 8.01
CA SER A 265 -8.66 -3.18 7.99
C SER A 265 -7.13 -3.11 7.90
N PRO A 266 -6.45 -3.94 8.72
CA PRO A 266 -5.00 -4.10 8.62
C PRO A 266 -4.61 -4.74 7.29
N LYS A 267 -5.54 -5.48 6.70
CA LYS A 267 -5.26 -6.09 5.40
C LYS A 267 -5.53 -5.06 4.33
N GLU A 268 -4.46 -4.62 3.66
CA GLU A 268 -4.55 -3.54 2.71
C GLU A 268 -5.54 -3.83 1.59
N ASN A 269 -5.56 -5.08 1.12
CA ASN A 269 -6.48 -5.48 0.05
C ASN A 269 -7.92 -5.29 0.45
N ILE A 270 -8.25 -5.52 1.71
CA ILE A 270 -9.60 -5.32 2.15
C ILE A 270 -9.95 -3.82 2.16
N LYS A 271 -9.06 -2.98 2.68
CA LYS A 271 -9.23 -1.52 2.63
C LYS A 271 -9.47 -1.06 1.20
N LYS A 272 -8.61 -1.54 0.29
CA LYS A 272 -8.69 -1.15 -1.11
C LYS A 272 -9.99 -1.60 -1.78
N GLU A 273 -10.36 -2.87 -1.55
CA GLU A 273 -11.60 -3.41 -2.09
C GLU A 273 -12.82 -2.69 -1.51
N ALA A 274 -12.73 -2.28 -0.25
CA ALA A 274 -13.82 -1.52 0.36
C ALA A 274 -13.98 -0.18 -0.34
N CYS A 275 -12.87 0.51 -0.58
CA CYS A 275 -12.90 1.78 -1.28
C CYS A 275 -13.45 1.61 -2.69
N TRP A 276 -13.00 0.55 -3.36
CA TRP A 276 -13.45 0.23 -4.71
C TRP A 276 -14.95 -0.01 -4.74
N THR A 277 -15.43 -0.84 -3.80
CA THR A 277 -16.85 -1.12 -3.65
C THR A 277 -17.67 0.17 -3.48
N ILE A 278 -17.23 1.02 -2.56
CA ILE A 278 -17.92 2.28 -2.28
C ILE A 278 -17.98 3.16 -3.52
N SER A 279 -16.88 3.16 -4.29
CA SER A 279 -16.79 3.97 -5.50
C SER A 279 -17.82 3.53 -6.53
N ASN A 280 -18.13 2.24 -6.55
CA ASN A 280 -19.13 1.73 -7.49
C ASN A 280 -20.53 1.97 -7.00
N ILE A 281 -20.68 2.25 -5.72
CA ILE A 281 -21.97 2.67 -5.20
C ILE A 281 -22.12 4.20 -5.38
N THR A 282 -21.05 4.95 -5.17
CA THR A 282 -21.11 6.39 -5.41
C THR A 282 -21.08 6.66 -6.91
N ALA A 283 -20.95 5.59 -7.69
CA ALA A 283 -21.10 5.69 -9.14
C ALA A 283 -22.56 5.45 -9.48
N GLY A 284 -23.37 5.22 -8.45
CA GLY A 284 -24.79 4.99 -8.67
C GLY A 284 -25.59 6.28 -8.76
N ASN A 285 -26.88 6.23 -8.47
CA ASN A 285 -27.70 7.43 -8.58
C ASN A 285 -27.56 8.32 -7.35
N THR A 286 -28.29 9.44 -7.34
CA THR A 286 -28.16 10.46 -6.32
C THR A 286 -28.55 9.91 -4.94
N GLU A 287 -29.60 9.08 -4.87
CA GLU A 287 -29.98 8.51 -3.57
C GLU A 287 -28.93 7.55 -3.03
N GLN A 288 -28.18 6.91 -3.93
CA GLN A 288 -27.19 5.94 -3.53
C GLN A 288 -25.92 6.67 -3.07
N ILE A 289 -25.58 7.78 -3.74
CA ILE A 289 -24.51 8.63 -3.25
C ILE A 289 -24.88 9.19 -1.88
N GLN A 290 -26.14 9.62 -1.77
CA GLN A 290 -26.65 10.17 -0.51
C GLN A 290 -26.58 9.15 0.60
N ALA A 291 -26.87 7.90 0.26
CA ALA A 291 -26.85 6.80 1.23
C ALA A 291 -25.45 6.56 1.75
N VAL A 292 -24.45 6.71 0.88
CA VAL A 292 -23.06 6.57 1.26
C VAL A 292 -22.67 7.68 2.22
N ILE A 293 -23.15 8.89 1.93
CA ILE A 293 -22.93 10.05 2.79
C ILE A 293 -23.61 9.87 4.14
N ASP A 294 -24.86 9.43 4.13
CA ASP A 294 -25.63 9.23 5.38
C ASP A 294 -25.00 8.16 6.26
N ALA A 295 -24.24 7.24 5.66
CA ALA A 295 -23.61 6.16 6.41
C ALA A 295 -22.34 6.60 7.10
N ASN A 296 -21.98 7.87 6.94
CA ASN A 296 -20.78 8.44 7.54
C ASN A 296 -19.52 7.79 6.99
N LEU A 297 -19.51 7.54 5.69
CA LEU A 297 -18.40 6.88 5.02
C LEU A 297 -17.41 7.88 4.40
N ILE A 298 -17.81 9.14 4.29
CA ILE A 298 -16.95 10.16 3.69
C ILE A 298 -15.73 10.55 4.54
N PRO A 299 -15.91 10.79 5.86
CA PRO A 299 -14.67 11.12 6.59
C PRO A 299 -13.58 10.03 6.56
N PRO A 300 -13.87 8.76 6.73
CA PRO A 300 -12.86 7.74 6.55
C PRO A 300 -12.25 7.63 5.16
N LEU A 301 -13.06 7.86 4.14
CA LEU A 301 -12.58 7.97 2.76
C LEU A 301 -11.64 9.15 2.54
N VAL A 302 -11.96 10.30 3.13
CA VAL A 302 -11.12 11.49 2.96
C VAL A 302 -9.78 11.29 3.64
N LYS A 303 -9.78 10.66 4.81
CA LYS A 303 -8.53 10.35 5.49
C LYS A 303 -7.67 9.38 4.65
N LEU A 304 -8.31 8.38 4.04
CA LEU A 304 -7.59 7.44 3.18
C LEU A 304 -7.06 8.13 1.91
N LEU A 305 -7.86 9.06 1.37
CA LEU A 305 -7.44 9.82 0.20
C LEU A 305 -6.18 10.63 0.51
N GLU A 306 -6.00 10.89 1.79
CA GLU A 306 -4.96 11.73 2.32
C GLU A 306 -3.65 10.96 2.60
N VAL A 307 -3.76 9.80 3.24
CA VAL A 307 -2.58 9.16 3.82
C VAL A 307 -2.40 7.67 3.49
N ALA A 308 -3.35 7.05 2.82
CA ALA A 308 -3.23 5.62 2.52
C ALA A 308 -2.15 5.33 1.47
N GLU A 309 -1.81 4.06 1.29
CA GLU A 309 -0.88 3.69 0.21
C GLU A 309 -1.53 4.00 -1.12
N TYR A 310 -0.71 4.31 -2.11
CA TYR A 310 -1.17 4.82 -3.39
C TYR A 310 -2.35 4.07 -4.03
N LYS A 311 -2.31 2.73 -4.06
CA LYS A 311 -3.38 1.98 -4.72
C LYS A 311 -4.69 2.19 -4.00
N THR A 312 -4.62 2.17 -2.69
CA THR A 312 -5.80 2.39 -1.88
C THR A 312 -6.26 3.83 -2.03
N LYS A 313 -5.33 4.75 -2.08
CA LYS A 313 -5.60 6.15 -2.22
C LYS A 313 -6.32 6.46 -3.52
N LYS A 314 -5.89 5.82 -4.59
CA LYS A 314 -6.54 5.92 -5.90
C LYS A 314 -8.02 5.55 -5.84
N GLU A 315 -8.33 4.46 -5.15
CA GLU A 315 -9.69 3.98 -5.04
C GLU A 315 -10.57 4.94 -4.24
N ALA A 316 -10.01 5.49 -3.15
CA ALA A 316 -10.68 6.52 -2.38
C ALA A 316 -10.97 7.74 -3.23
N CYS A 317 -10.03 8.08 -4.12
CA CYS A 317 -10.21 9.19 -5.04
C CYS A 317 -11.42 8.98 -5.95
N TRP A 318 -11.53 7.77 -6.52
CA TRP A 318 -12.68 7.39 -7.33
C TRP A 318 -13.99 7.52 -6.55
N ALA A 319 -14.01 7.05 -5.31
CA ALA A 319 -15.24 7.06 -4.51
C ALA A 319 -15.73 8.48 -4.28
N ILE A 320 -14.79 9.35 -3.93
CA ILE A 320 -15.11 10.74 -3.63
C ILE A 320 -15.42 11.51 -4.92
N SER A 321 -14.64 11.28 -5.96
CA SER A 321 -14.88 11.94 -7.23
C SER A 321 -16.24 11.54 -7.81
N ASN A 322 -16.54 10.24 -7.83
CA ASN A 322 -17.85 9.75 -8.27
C ASN A 322 -18.98 10.40 -7.47
N ALA A 323 -18.80 10.50 -6.16
CA ALA A 323 -19.81 11.13 -5.32
C ALA A 323 -20.04 12.60 -5.72
N SER A 324 -18.97 13.26 -6.18
CA SER A 324 -19.08 14.68 -6.52
C SER A 324 -19.94 14.95 -7.76
N SER A 325 -20.15 13.94 -8.59
CA SER A 325 -20.96 14.13 -9.80
C SER A 325 -22.46 14.22 -9.46
N GLY A 326 -22.83 13.84 -8.25
CA GLY A 326 -24.19 13.99 -7.79
C GLY A 326 -24.43 15.43 -7.33
N GLY A 327 -23.40 16.25 -7.44
CA GLY A 327 -23.47 17.64 -7.02
C GLY A 327 -24.35 18.51 -7.90
N LEU A 328 -24.44 18.17 -9.18
CA LEU A 328 -25.30 18.91 -10.10
C LEU A 328 -26.78 18.78 -9.75
N GLN A 329 -27.20 17.58 -9.32
CA GLN A 329 -28.59 17.32 -8.95
C GLN A 329 -28.91 17.94 -7.60
N ARG A 330 -28.04 17.73 -6.62
CA ARG A 330 -28.18 18.45 -5.36
C ARG A 330 -26.85 18.97 -4.82
N PRO A 331 -26.73 20.29 -4.75
CA PRO A 331 -25.51 20.99 -4.34
C PRO A 331 -25.02 20.64 -2.95
N ASP A 332 -25.90 20.19 -2.07
CA ASP A 332 -25.51 19.88 -0.71
C ASP A 332 -24.48 18.77 -0.64
N ILE A 333 -24.47 17.89 -1.63
CA ILE A 333 -23.44 16.86 -1.71
C ILE A 333 -22.06 17.49 -1.81
N ILE A 334 -21.91 18.45 -2.71
CA ILE A 334 -20.62 19.14 -2.85
C ILE A 334 -20.27 19.91 -1.59
N ARG A 335 -21.25 20.64 -1.05
CA ARG A 335 -21.09 21.38 0.19
C ARG A 335 -20.51 20.50 1.28
N TYR A 336 -21.11 19.33 1.47
CA TYR A 336 -20.67 18.40 2.49
C TYR A 336 -19.25 17.86 2.21
N LEU A 337 -19.00 17.44 0.97
CA LEU A 337 -17.68 16.92 0.58
C LEU A 337 -16.60 17.95 0.87
N VAL A 338 -16.90 19.21 0.56
CA VAL A 338 -15.94 20.29 0.76
C VAL A 338 -15.73 20.58 2.24
N SER A 339 -16.79 20.55 3.03
CA SER A 339 -16.66 20.78 4.47
C SER A 339 -15.89 19.63 5.15
N GLN A 340 -15.83 18.47 4.50
CA GLN A 340 -15.09 17.33 5.04
C GLN A 340 -13.61 17.36 4.61
N GLY A 341 -13.20 18.45 3.97
CA GLY A 341 -11.82 18.70 3.64
C GLY A 341 -11.27 17.84 2.51
N CYS A 342 -12.07 17.64 1.47
CA CYS A 342 -11.69 16.80 0.35
C CYS A 342 -10.84 17.53 -0.70
N ILE A 343 -10.85 18.86 -0.67
CA ILE A 343 -10.20 19.65 -1.72
C ILE A 343 -8.67 19.54 -1.75
N LYS A 344 -8.03 19.76 -0.61
CA LYS A 344 -6.59 19.65 -0.51
C LYS A 344 -6.06 18.24 -0.87
N PRO A 345 -6.66 17.17 -0.31
CA PRO A 345 -6.12 15.86 -0.72
C PRO A 345 -6.35 15.56 -2.20
N LEU A 346 -7.47 16.02 -2.78
CA LEU A 346 -7.69 15.87 -4.22
C LEU A 346 -6.60 16.59 -5.02
N CYS A 347 -6.37 17.86 -4.69
CA CYS A 347 -5.35 18.65 -5.38
C CYS A 347 -3.96 18.03 -5.27
N ASP A 348 -3.57 17.64 -4.04
CA ASP A 348 -2.24 17.08 -3.80
C ASP A 348 -2.00 15.83 -4.61
N LEU A 349 -3.09 15.15 -4.95
CA LEU A 349 -3.03 13.92 -5.71
C LEU A 349 -2.63 14.18 -7.17
N LEU A 350 -2.88 15.38 -7.67
CA LEU A 350 -2.64 15.71 -9.08
C LEU A 350 -1.20 15.48 -9.54
N GLU A 351 -0.23 15.65 -8.64
CA GLU A 351 1.16 15.47 -9.01
C GLU A 351 1.53 14.00 -9.16
N ILE A 352 1.50 13.28 -8.03
CA ILE A 352 1.95 11.90 -7.97
C ILE A 352 1.13 10.92 -8.81
N ALA A 353 -0.08 11.31 -9.20
CA ALA A 353 -1.01 10.37 -9.83
C ALA A 353 -0.74 10.15 -11.32
N ASP A 354 -1.21 8.99 -11.81
CA ASP A 354 -1.18 8.67 -13.24
C ASP A 354 -2.29 9.39 -13.99
N ASN A 355 -2.25 9.33 -15.32
CA ASN A 355 -3.18 10.08 -16.15
C ASN A 355 -4.65 9.76 -15.92
N ARG A 356 -4.94 8.51 -15.59
CA ARG A 356 -6.32 8.09 -15.37
C ARG A 356 -6.89 8.79 -14.13
N ILE A 357 -6.12 8.78 -13.06
CA ILE A 357 -6.52 9.40 -11.81
C ILE A 357 -6.58 10.91 -11.94
N ILE A 358 -5.63 11.48 -12.67
CA ILE A 358 -5.60 12.91 -12.91
C ILE A 358 -6.92 13.38 -13.55
N GLU A 359 -7.41 12.63 -14.54
CA GLU A 359 -8.65 12.99 -15.19
C GLU A 359 -9.83 12.92 -14.20
N VAL A 360 -9.84 11.86 -13.40
CA VAL A 360 -10.87 11.66 -12.39
C VAL A 360 -10.87 12.76 -11.35
N THR A 361 -9.66 13.14 -10.91
CA THR A 361 -9.51 14.20 -9.91
C THR A 361 -9.89 15.56 -10.50
N LEU A 362 -9.52 15.81 -11.75
CA LEU A 362 -9.92 17.05 -12.43
C LEU A 362 -11.44 17.13 -12.53
N ASP A 363 -12.08 16.02 -12.89
CA ASP A 363 -13.54 15.97 -12.96
C ASP A 363 -14.15 16.34 -11.63
N ALA A 364 -13.57 15.79 -10.56
CA ALA A 364 -14.06 16.03 -9.21
C ALA A 364 -13.91 17.51 -8.85
N LEU A 365 -12.75 18.08 -9.18
CA LEU A 365 -12.50 19.47 -8.90
C LEU A 365 -13.43 20.36 -9.72
N GLU A 366 -13.66 20.00 -10.97
CA GLU A 366 -14.58 20.78 -11.80
C GLU A 366 -16.01 20.70 -11.30
N ASN A 367 -16.41 19.55 -10.75
CA ASN A 367 -17.73 19.43 -10.14
C ASN A 367 -17.84 20.36 -8.94
N ILE A 368 -16.80 20.37 -8.11
CA ILE A 368 -16.74 21.25 -6.96
C ILE A 368 -16.78 22.72 -7.39
N LEU A 369 -16.19 23.03 -8.52
CA LEU A 369 -16.16 24.40 -9.03
C LEU A 369 -17.49 24.81 -9.67
N LYS A 370 -18.06 23.91 -10.46
CA LYS A 370 -19.36 24.15 -11.06
C LYS A 370 -20.40 24.50 -10.01
N MET A 371 -20.43 23.72 -8.94
CA MET A 371 -21.40 23.95 -7.88
C MET A 371 -21.13 25.29 -7.19
N GLY A 372 -19.84 25.60 -7.03
CA GLY A 372 -19.42 26.83 -6.39
C GLY A 372 -19.79 28.06 -7.20
N GLU A 373 -19.74 27.97 -8.54
CA GLU A 373 -20.16 29.10 -9.35
C GLU A 373 -21.63 29.30 -9.23
N ALA A 374 -22.37 28.19 -9.36
CA ALA A 374 -23.82 28.23 -9.22
C ALA A 374 -24.25 28.80 -7.87
N ASP A 375 -23.41 28.61 -6.86
CA ASP A 375 -23.74 29.09 -5.52
C ASP A 375 -23.36 30.58 -5.39
N LYS A 376 -22.97 31.19 -6.51
CA LYS A 376 -22.79 32.63 -6.54
C LYS A 376 -24.04 33.31 -7.08
N GLU A 377 -24.51 32.87 -8.25
CA GLU A 377 -25.75 33.43 -8.79
C GLU A 377 -26.89 33.19 -7.81
N ALA A 378 -26.98 31.98 -7.29
CA ALA A 378 -28.11 31.58 -6.45
C ALA A 378 -28.22 32.43 -5.19
N ARG A 379 -27.10 33.01 -4.77
CA ARG A 379 -27.08 33.88 -3.60
C ARG A 379 -26.07 34.98 -3.86
N GLY A 380 -26.41 35.85 -4.81
CA GLY A 380 -25.65 37.03 -5.19
C GLY A 380 -24.33 37.23 -4.48
N LEU A 381 -23.24 36.91 -5.17
CA LEU A 381 -21.94 36.87 -4.53
C LEU A 381 -20.88 37.22 -5.54
N ASN A 382 -19.74 37.68 -5.05
CA ASN A 382 -18.68 38.16 -5.92
C ASN A 382 -17.57 37.15 -6.14
N ILE A 383 -17.39 36.21 -5.20
CA ILE A 383 -16.32 35.25 -5.33
C ILE A 383 -16.77 33.80 -5.15
N ASN A 384 -16.28 32.93 -6.02
CA ASN A 384 -16.47 31.49 -5.93
C ASN A 384 -15.68 30.92 -4.74
N GLU A 385 -16.39 30.57 -3.67
CA GLU A 385 -15.76 30.07 -2.44
C GLU A 385 -14.90 28.84 -2.66
N ASN A 386 -15.37 27.92 -3.49
CA ASN A 386 -14.63 26.69 -3.77
C ASN A 386 -13.37 26.95 -4.57
N ALA A 387 -13.41 27.93 -5.48
CA ALA A 387 -12.22 28.34 -6.21
C ALA A 387 -11.17 28.88 -5.25
N ASP A 388 -11.62 29.57 -4.20
CA ASP A 388 -10.73 30.08 -3.18
C ASP A 388 -10.02 28.96 -2.44
N PHE A 389 -10.82 28.02 -1.95
CA PHE A 389 -10.30 26.84 -1.26
C PHE A 389 -9.24 26.14 -2.09
N ILE A 390 -9.55 25.93 -3.37
CA ILE A 390 -8.63 25.26 -4.28
C ILE A 390 -7.33 26.05 -4.42
N GLU A 391 -7.43 27.37 -4.53
CA GLU A 391 -6.26 28.24 -4.59
C GLU A 391 -5.47 28.23 -3.27
N LYS A 392 -6.17 28.41 -2.16
CA LYS A 392 -5.55 28.32 -0.83
C LYS A 392 -4.83 26.99 -0.63
N ALA A 393 -5.40 25.90 -1.12
CA ALA A 393 -4.80 24.58 -0.97
C ALA A 393 -3.67 24.32 -1.97
N GLY A 394 -3.35 25.33 -2.77
CA GLY A 394 -2.30 25.19 -3.76
C GLY A 394 -2.70 24.41 -5.00
N GLY A 395 -3.98 24.08 -5.11
CA GLY A 395 -4.43 23.26 -6.22
C GLY A 395 -4.46 24.02 -7.54
N MET A 396 -4.52 25.34 -7.45
CA MET A 396 -4.62 26.18 -8.63
C MET A 396 -3.40 26.00 -9.53
N GLU A 397 -2.24 26.09 -8.92
CA GLU A 397 -0.98 25.86 -9.59
C GLU A 397 -0.85 24.45 -10.09
N LYS A 398 -1.24 23.49 -9.27
CA LYS A 398 -1.16 22.08 -9.65
C LYS A 398 -2.07 21.76 -10.84
N ILE A 399 -3.25 22.38 -10.90
CA ILE A 399 -4.12 22.23 -12.05
C ILE A 399 -3.49 22.89 -13.28
N PHE A 400 -2.92 24.06 -13.06
CA PHE A 400 -2.22 24.80 -14.10
C PHE A 400 -1.06 23.98 -14.67
N ASN A 401 -0.30 23.36 -13.77
CA ASN A 401 0.83 22.50 -14.17
C ASN A 401 0.37 21.27 -14.97
N CYS A 402 -0.90 20.92 -14.84
CA CYS A 402 -1.47 19.81 -15.61
C CYS A 402 -1.63 20.15 -17.08
N GLN A 403 -1.55 21.43 -17.43
CA GLN A 403 -1.66 21.82 -18.83
C GLN A 403 -0.47 21.33 -19.65
N GLN A 404 0.61 20.99 -18.97
CA GLN A 404 1.81 20.47 -19.63
C GLN A 404 1.75 18.96 -19.73
N ASN A 405 0.56 18.43 -19.94
CA ASN A 405 0.38 16.98 -19.95
C ASN A 405 0.24 16.52 -21.40
N GLU A 406 0.95 15.44 -21.73
CA GLU A 406 0.92 14.84 -23.05
C GLU A 406 -0.50 14.55 -23.51
N ASN A 407 -1.31 14.05 -22.58
CA ASN A 407 -2.70 13.70 -22.86
C ASN A 407 -3.57 14.90 -23.18
N ASP A 408 -4.23 14.87 -24.34
CA ASP A 408 -5.10 15.96 -24.77
C ASP A 408 -6.34 16.11 -23.92
N LYS A 409 -6.90 14.99 -23.45
CA LYS A 409 -8.09 15.06 -22.61
C LYS A 409 -7.79 15.82 -21.31
N ILE A 410 -6.63 15.52 -20.71
CA ILE A 410 -6.22 16.17 -19.48
C ILE A 410 -5.92 17.65 -19.71
N TYR A 411 -5.22 17.94 -20.80
CA TYR A 411 -4.90 19.31 -21.15
C TYR A 411 -6.13 20.19 -21.33
N GLU A 412 -7.06 19.74 -22.18
CA GLU A 412 -8.26 20.53 -22.46
C GLU A 412 -9.03 20.78 -21.19
N LYS A 413 -9.08 19.78 -20.34
CA LYS A 413 -9.85 19.89 -19.11
C LYS A 413 -9.16 20.84 -18.13
N ALA A 414 -7.85 20.70 -17.99
CA ALA A 414 -7.07 21.56 -17.09
C ALA A 414 -7.08 22.99 -17.58
N TYR A 415 -7.08 23.15 -18.90
CA TYR A 415 -7.11 24.47 -19.50
C TYR A 415 -8.46 25.14 -19.27
N LYS A 416 -9.52 24.37 -19.50
CA LYS A 416 -10.88 24.89 -19.38
C LYS A 416 -11.18 25.36 -17.96
N ILE A 417 -10.62 24.67 -16.97
CA ILE A 417 -10.94 25.04 -15.59
C ILE A 417 -10.09 26.24 -15.17
N ILE A 418 -8.83 26.28 -15.62
CA ILE A 418 -7.95 27.42 -15.32
C ILE A 418 -8.55 28.72 -15.83
N GLU A 419 -9.10 28.68 -17.04
CA GLU A 419 -9.63 29.89 -17.64
C GLU A 419 -11.05 30.23 -17.17
N THR A 420 -11.82 29.23 -16.74
CA THR A 420 -13.21 29.46 -16.32
C THR A 420 -13.33 29.96 -14.88
N TYR A 421 -12.48 29.44 -13.99
CA TYR A 421 -12.64 29.73 -12.58
C TYR A 421 -11.46 30.52 -12.05
N PHE A 422 -10.40 30.61 -12.83
CA PHE A 422 -9.20 31.32 -12.41
C PHE A 422 -8.70 32.27 -13.50
N GLU B 1 -2.68 49.95 -14.04
CA GLU B 1 -1.99 51.19 -13.71
C GLU B 1 -0.52 50.95 -13.37
N LEU B 2 0.04 49.93 -14.01
CA LEU B 2 1.44 49.57 -13.82
C LEU B 2 2.45 50.60 -14.36
N PRO B 3 2.19 51.19 -15.55
CA PRO B 3 3.20 52.12 -16.05
C PRO B 3 3.40 53.38 -15.19
N GLN B 4 2.37 53.80 -14.46
CA GLN B 4 2.52 54.97 -13.61
C GLN B 4 3.11 54.56 -12.26
N MET B 5 2.83 53.33 -11.84
CA MET B 5 3.48 52.75 -10.66
C MET B 5 5.00 52.69 -10.85
N THR B 6 5.42 52.28 -12.05
CA THR B 6 6.84 52.21 -12.36
C THR B 6 7.45 53.62 -12.35
N GLN B 7 6.73 54.59 -12.91
CA GLN B 7 7.22 55.97 -12.92
C GLN B 7 7.34 56.53 -11.50
N GLN B 8 6.34 56.23 -10.67
CA GLN B 8 6.33 56.64 -9.28
C GLN B 8 7.48 55.99 -8.51
N LEU B 9 7.77 54.74 -8.82
CA LEU B 9 8.84 54.01 -8.15
C LEU B 9 10.20 54.60 -8.52
N ASN B 10 10.32 55.12 -9.74
CA ASN B 10 11.58 55.70 -10.20
C ASN B 10 11.74 57.17 -9.82
N SER B 11 10.72 57.73 -9.20
CA SER B 11 10.74 59.10 -8.70
C SER B 11 11.81 59.32 -7.64
N ASP B 12 12.32 60.55 -7.56
CA ASP B 12 13.28 60.91 -6.53
C ASP B 12 12.57 61.38 -5.27
N ASP B 13 11.25 61.48 -5.36
CA ASP B 13 10.43 61.81 -4.20
C ASP B 13 10.25 60.58 -3.32
N MET B 14 10.58 60.72 -2.04
CA MET B 14 10.56 59.60 -1.11
C MET B 14 9.15 59.08 -0.85
N GLN B 15 8.19 59.99 -0.74
CA GLN B 15 6.81 59.60 -0.46
C GLN B 15 6.20 58.88 -1.67
N GLU B 16 6.63 59.23 -2.87
CA GLU B 16 6.12 58.57 -4.06
C GLU B 16 6.79 57.20 -4.24
N GLN B 17 8.06 57.11 -3.86
CA GLN B 17 8.75 55.82 -3.86
C GLN B 17 8.02 54.85 -2.95
N LEU B 18 7.63 55.34 -1.78
CA LEU B 18 6.98 54.50 -0.77
C LEU B 18 5.59 54.08 -1.24
N SER B 19 4.82 55.03 -1.76
CA SER B 19 3.49 54.76 -2.27
C SER B 19 3.53 53.69 -3.36
N ALA B 20 4.47 53.85 -4.29
CA ALA B 20 4.63 52.89 -5.37
C ALA B 20 5.03 51.50 -4.86
N THR B 21 5.94 51.48 -3.91
CA THR B 21 6.42 50.22 -3.35
C THR B 21 5.31 49.49 -2.62
N VAL B 22 4.51 50.23 -1.84
CA VAL B 22 3.36 49.65 -1.17
C VAL B 22 2.39 49.08 -2.21
N LYS B 23 2.16 49.82 -3.29
CA LYS B 23 1.29 49.35 -4.37
C LYS B 23 1.80 48.08 -5.04
N PHE B 24 3.11 48.00 -5.29
CA PHE B 24 3.68 46.79 -5.89
C PHE B 24 3.53 45.60 -4.93
N ARG B 25 3.76 45.82 -3.65
CA ARG B 25 3.55 44.79 -2.65
C ARG B 25 2.09 44.34 -2.65
N GLN B 26 1.17 45.28 -2.80
CA GLN B 26 -0.25 44.95 -2.72
C GLN B 26 -0.69 44.01 -3.83
N ILE B 27 -0.29 44.29 -5.06
CA ILE B 27 -0.73 43.46 -6.18
C ILE B 27 -0.03 42.10 -6.16
N LEU B 28 1.14 42.03 -5.52
CA LEU B 28 1.88 40.79 -5.39
C LEU B 28 1.42 40.02 -4.17
N SER B 29 0.54 40.63 -3.37
CA SER B 29 0.05 40.01 -2.15
C SER B 29 -1.42 39.65 -2.19
N ARG B 30 -2.06 39.90 -3.33
CA ARG B 30 -3.50 39.71 -3.43
C ARG B 30 -3.82 38.22 -3.45
N GLU B 31 -5.07 37.86 -3.17
CA GLU B 31 -5.40 36.45 -3.00
C GLU B 31 -5.27 35.68 -4.31
N HIS B 32 -5.75 36.22 -5.42
CA HIS B 32 -5.74 35.48 -6.65
C HIS B 32 -4.58 35.84 -7.55
N ARG B 33 -3.79 34.86 -7.93
CA ARG B 33 -3.04 34.92 -9.17
C ARG B 33 -2.20 36.16 -9.45
N PRO B 34 -1.31 36.51 -8.56
CA PRO B 34 -0.52 37.73 -8.70
C PRO B 34 0.39 37.83 -9.91
N PRO B 35 0.44 39.00 -10.52
CA PRO B 35 1.06 39.16 -11.83
C PRO B 35 2.56 39.29 -11.72
N ILE B 36 3.21 38.25 -11.19
CA ILE B 36 4.65 38.31 -10.92
C ILE B 36 5.45 38.61 -12.18
N ASP B 37 5.09 37.95 -13.29
CA ASP B 37 5.83 38.13 -14.53
C ASP B 37 5.73 39.57 -15.02
N VAL B 38 4.53 40.12 -14.96
CA VAL B 38 4.25 41.51 -15.35
C VAL B 38 5.09 42.51 -14.57
N VAL B 39 5.16 42.32 -13.26
CA VAL B 39 5.96 43.16 -12.39
C VAL B 39 7.43 43.09 -12.80
N ILE B 40 7.88 41.87 -13.12
CA ILE B 40 9.23 41.68 -13.60
C ILE B 40 9.44 42.36 -14.97
N GLN B 41 8.43 42.28 -15.84
CA GLN B 41 8.49 42.90 -17.16
C GLN B 41 8.74 44.40 -17.05
N ALA B 42 8.23 45.00 -15.98
CA ALA B 42 8.36 46.44 -15.75
C ALA B 42 9.79 46.86 -15.41
N GLY B 43 10.63 45.88 -15.07
CA GLY B 43 12.02 46.13 -14.80
C GLY B 43 12.31 46.77 -13.45
N VAL B 44 11.38 46.59 -12.52
CA VAL B 44 11.46 47.26 -11.22
C VAL B 44 12.20 46.47 -10.13
N VAL B 45 12.58 45.23 -10.41
CA VAL B 45 13.25 44.42 -9.39
C VAL B 45 14.58 45.05 -8.89
N PRO B 46 15.45 45.51 -9.80
CA PRO B 46 16.64 46.19 -9.27
C PRO B 46 16.32 47.41 -8.39
N ARG B 47 15.31 48.18 -8.75
CA ARG B 47 14.93 49.34 -7.95
C ARG B 47 14.43 48.91 -6.58
N LEU B 48 13.61 47.86 -6.56
CA LEU B 48 13.13 47.28 -5.30
C LEU B 48 14.30 46.83 -4.41
N VAL B 49 15.35 46.32 -5.04
CA VAL B 49 16.54 45.90 -4.29
C VAL B 49 17.27 47.12 -3.71
N GLU B 50 17.31 48.22 -4.46
CA GLU B 50 17.91 49.46 -3.94
C GLU B 50 17.22 49.88 -2.64
N PHE B 51 15.93 49.60 -2.53
CA PHE B 51 15.14 50.04 -1.39
C PHE B 51 15.40 49.24 -0.12
N MET B 52 16.29 48.26 -0.19
CA MET B 52 16.63 47.47 0.99
C MET B 52 17.97 47.85 1.58
N ARG B 53 18.69 48.77 0.93
CA ARG B 53 19.99 49.19 1.41
C ARG B 53 19.79 49.83 2.77
N GLU B 54 20.82 49.72 3.63
CA GLU B 54 20.62 49.93 5.06
C GLU B 54 20.24 51.36 5.46
N ASN B 55 20.53 52.32 4.60
CA ASN B 55 20.19 53.70 4.94
C ASN B 55 18.83 54.15 4.40
N GLN B 56 18.07 53.21 3.86
CA GLN B 56 16.69 53.49 3.44
C GLN B 56 15.74 53.52 4.64
N PRO B 57 14.66 54.31 4.55
CA PRO B 57 13.68 54.34 5.63
C PRO B 57 13.03 52.98 5.85
N GLU B 58 12.73 52.68 7.12
CA GLU B 58 12.21 51.37 7.53
C GLU B 58 11.05 50.82 6.73
N MET B 59 10.03 51.64 6.50
CA MET B 59 8.83 51.13 5.86
C MET B 59 9.12 50.78 4.40
N LEU B 60 9.99 51.56 3.76
CA LEU B 60 10.38 51.31 2.38
C LEU B 60 11.10 49.97 2.27
N GLN B 61 12.01 49.71 3.23
CA GLN B 61 12.69 48.42 3.29
C GLN B 61 11.72 47.26 3.45
N LEU B 62 10.81 47.41 4.41
CA LEU B 62 9.83 46.39 4.70
C LEU B 62 9.02 46.03 3.45
N GLU B 63 8.41 47.04 2.85
CA GLU B 63 7.55 46.83 1.69
C GLU B 63 8.30 46.25 0.49
N ALA B 64 9.49 46.78 0.20
CA ALA B 64 10.29 46.28 -0.91
C ALA B 64 10.70 44.82 -0.67
N ALA B 65 11.09 44.51 0.56
CA ALA B 65 11.43 43.14 0.92
C ALA B 65 10.20 42.24 0.82
N TRP B 66 9.04 42.77 1.19
CA TRP B 66 7.80 42.03 1.07
C TRP B 66 7.49 41.74 -0.40
N ALA B 67 7.60 42.76 -1.24
CA ALA B 67 7.35 42.59 -2.67
C ALA B 67 8.33 41.58 -3.30
N LEU B 68 9.60 41.66 -2.90
CA LEU B 68 10.61 40.74 -3.43
C LEU B 68 10.44 39.33 -2.86
N THR B 69 9.94 39.23 -1.64
CA THR B 69 9.62 37.92 -1.06
C THR B 69 8.64 37.17 -1.95
N ASN B 70 7.59 37.86 -2.38
CA ASN B 70 6.52 37.26 -3.16
C ASN B 70 6.91 36.97 -4.60
N ILE B 71 7.74 37.82 -5.18
CA ILE B 71 8.28 37.51 -6.50
C ILE B 71 9.11 36.23 -6.44
N ALA B 72 9.88 36.07 -5.36
CA ALA B 72 10.74 34.90 -5.22
C ALA B 72 9.95 33.64 -4.84
N SER B 73 8.68 33.81 -4.50
CA SER B 73 7.86 32.68 -4.10
C SER B 73 7.29 31.93 -5.28
N GLY B 74 7.48 32.47 -6.49
CA GLY B 74 6.92 31.87 -7.69
C GLY B 74 7.81 30.80 -8.29
N THR B 75 7.91 30.80 -9.61
CA THR B 75 8.74 29.83 -10.32
C THR B 75 10.23 30.05 -10.09
N SER B 76 11.05 29.07 -10.47
CA SER B 76 12.50 29.21 -10.42
C SER B 76 12.98 30.37 -11.29
N ALA B 77 12.31 30.54 -12.42
CA ALA B 77 12.66 31.61 -13.35
C ALA B 77 12.44 32.97 -12.68
N GLN B 78 11.38 33.07 -11.88
CA GLN B 78 11.07 34.33 -11.23
C GLN B 78 11.97 34.54 -10.03
N THR B 79 12.27 33.47 -9.30
CA THR B 79 13.19 33.52 -8.18
C THR B 79 14.58 33.93 -8.67
N LYS B 80 14.92 33.50 -9.88
CA LYS B 80 16.20 33.79 -10.48
C LYS B 80 16.40 35.28 -10.68
N VAL B 81 15.32 35.98 -11.02
CA VAL B 81 15.38 37.42 -11.27
C VAL B 81 15.74 38.14 -9.99
N VAL B 82 15.19 37.68 -8.88
CA VAL B 82 15.50 38.25 -7.58
C VAL B 82 16.96 37.99 -7.20
N VAL B 83 17.40 36.75 -7.37
CA VAL B 83 18.77 36.35 -7.04
C VAL B 83 19.79 37.11 -7.91
N ASP B 84 19.56 37.13 -9.21
CA ASP B 84 20.46 37.82 -10.14
C ASP B 84 20.55 39.33 -9.88
N ALA B 85 19.57 39.86 -9.15
CA ALA B 85 19.58 41.28 -8.78
C ALA B 85 20.31 41.54 -7.48
N ASP B 86 21.02 40.51 -7.00
CA ASP B 86 21.84 40.61 -5.78
C ASP B 86 21.03 40.94 -4.54
N ALA B 87 19.82 40.43 -4.49
CA ALA B 87 18.95 40.65 -3.35
C ALA B 87 19.41 39.92 -2.11
N VAL B 88 20.06 38.77 -2.28
CA VAL B 88 20.34 37.89 -1.14
C VAL B 88 21.31 38.49 -0.09
N PRO B 89 22.46 39.07 -0.51
CA PRO B 89 23.27 39.67 0.55
C PRO B 89 22.54 40.80 1.28
N LEU B 90 21.59 41.46 0.62
CA LEU B 90 20.84 42.52 1.27
C LEU B 90 19.80 41.98 2.28
N PHE B 91 19.10 40.90 1.94
CA PHE B 91 18.23 40.22 2.89
C PHE B 91 19.03 39.85 4.13
N ILE B 92 20.22 39.32 3.89
CA ILE B 92 21.10 38.85 4.95
C ILE B 92 21.57 39.99 5.85
N GLN B 93 21.87 41.15 5.26
CA GLN B 93 22.20 42.33 6.05
C GLN B 93 21.03 42.72 6.94
N LEU B 94 19.82 42.68 6.38
CA LEU B 94 18.63 43.08 7.11
C LEU B 94 18.39 42.19 8.33
N LEU B 95 18.86 40.95 8.29
CA LEU B 95 18.75 40.07 9.45
C LEU B 95 19.56 40.63 10.62
N TYR B 96 20.58 41.43 10.32
CA TYR B 96 21.38 42.11 11.34
C TYR B 96 20.77 43.47 11.74
N THR B 97 20.60 44.34 10.74
CA THR B 97 20.31 45.76 11.00
C THR B 97 18.83 46.06 11.15
N GLY B 98 17.98 45.23 10.55
CA GLY B 98 16.57 45.56 10.44
C GLY B 98 15.79 45.56 11.73
N SER B 99 14.62 46.19 11.71
CA SER B 99 13.67 46.05 12.78
C SER B 99 13.16 44.61 12.85
N VAL B 100 12.40 44.28 13.89
CA VAL B 100 11.83 42.92 14.02
C VAL B 100 10.96 42.59 12.81
N GLU B 101 10.15 43.58 12.41
CA GLU B 101 9.31 43.50 11.23
C GLU B 101 10.10 43.13 9.99
N VAL B 102 11.15 43.90 9.74
CA VAL B 102 12.00 43.74 8.56
C VAL B 102 12.78 42.43 8.60
N LYS B 103 13.28 42.06 9.77
CA LYS B 103 13.96 40.78 9.91
C LYS B 103 13.05 39.65 9.44
N GLU B 104 11.81 39.67 9.92
CA GLU B 104 10.90 38.57 9.62
C GLU B 104 10.60 38.52 8.13
N GLN B 105 10.54 39.69 7.50
CA GLN B 105 10.30 39.72 6.07
C GLN B 105 11.52 39.19 5.31
N ALA B 106 12.72 39.63 5.72
CA ALA B 106 13.96 39.18 5.10
C ALA B 106 14.16 37.67 5.22
N ILE B 107 13.86 37.12 6.40
CA ILE B 107 14.07 35.69 6.61
C ILE B 107 13.09 34.87 5.79
N TRP B 108 11.92 35.46 5.52
CA TRP B 108 10.92 34.82 4.69
C TRP B 108 11.41 34.73 3.25
N ALA B 109 11.88 35.87 2.74
CA ALA B 109 12.44 35.94 1.40
C ALA B 109 13.53 34.91 1.20
N LEU B 110 14.45 34.84 2.17
CA LEU B 110 15.57 33.91 2.09
C LEU B 110 15.07 32.46 2.07
N GLY B 111 14.03 32.19 2.84
CA GLY B 111 13.38 30.89 2.83
C GLY B 111 12.91 30.49 1.45
N ASN B 112 12.32 31.44 0.72
CA ASN B 112 11.84 31.18 -0.62
C ASN B 112 12.98 30.94 -1.61
N VAL B 113 14.05 31.73 -1.50
CA VAL B 113 15.22 31.50 -2.33
C VAL B 113 15.82 30.12 -2.03
N ALA B 114 15.95 29.80 -0.75
CA ALA B 114 16.57 28.55 -0.35
C ALA B 114 15.75 27.35 -0.77
N GLY B 115 14.42 27.50 -0.71
CA GLY B 115 13.53 26.41 -1.04
C GLY B 115 13.40 26.16 -2.53
N ASP B 116 14.06 26.98 -3.34
CA ASP B 116 13.89 26.85 -4.79
C ASP B 116 14.68 25.67 -5.35
N SER B 117 15.92 25.53 -4.90
CA SER B 117 16.81 24.50 -5.43
C SER B 117 17.98 24.32 -4.49
N THR B 118 18.66 23.20 -4.61
CA THR B 118 19.84 22.91 -3.78
C THR B 118 20.94 23.93 -4.07
N ASP B 119 21.01 24.37 -5.32
CA ASP B 119 21.97 25.39 -5.72
C ASP B 119 21.71 26.72 -5.03
N TYR B 120 20.44 27.13 -4.92
CA TYR B 120 20.16 28.43 -4.30
C TYR B 120 20.30 28.32 -2.80
N ARG B 121 19.95 27.15 -2.26
CA ARG B 121 20.19 26.84 -0.86
C ARG B 121 21.67 27.05 -0.55
N ASP B 122 22.53 26.43 -1.34
CA ASP B 122 23.96 26.52 -1.15
C ASP B 122 24.47 27.93 -1.33
N TYR B 123 23.86 28.67 -2.24
CA TYR B 123 24.22 30.06 -2.47
C TYR B 123 23.97 30.92 -1.24
N VAL B 124 22.80 30.76 -0.63
CA VAL B 124 22.46 31.50 0.57
C VAL B 124 23.50 31.24 1.66
N LEU B 125 23.90 29.97 1.80
CA LEU B 125 24.90 29.61 2.82
C LEU B 125 26.28 30.16 2.48
N GLN B 126 26.62 30.19 1.21
CA GLN B 126 27.87 30.80 0.77
C GLN B 126 27.93 32.28 1.13
N CYS B 127 26.76 32.92 1.24
CA CYS B 127 26.70 34.33 1.62
C CYS B 127 26.68 34.56 3.13
N ASN B 128 26.93 33.48 3.88
CA ASN B 128 27.07 33.53 5.33
C ASN B 128 25.80 33.97 6.04
N ALA B 129 24.70 33.38 5.62
CA ALA B 129 23.41 33.68 6.22
C ALA B 129 23.25 32.97 7.57
N MET B 130 24.00 31.91 7.81
CA MET B 130 23.77 31.07 9.00
C MET B 130 23.96 31.82 10.31
N GLU B 131 25.01 32.64 10.39
CA GLU B 131 25.31 33.37 11.62
C GLU B 131 24.15 34.33 12.01
N PRO B 132 23.73 35.22 11.10
CA PRO B 132 22.60 36.06 11.53
C PRO B 132 21.27 35.32 11.67
N ILE B 133 21.09 34.23 10.93
CA ILE B 133 19.84 33.47 11.02
C ILE B 133 19.72 32.84 12.40
N LEU B 134 20.79 32.19 12.86
CA LEU B 134 20.80 31.64 14.21
C LEU B 134 20.55 32.75 15.23
N GLY B 135 21.08 33.93 14.92
CA GLY B 135 20.85 35.11 15.74
C GLY B 135 19.38 35.43 15.99
N LEU B 136 18.52 35.14 15.01
CA LEU B 136 17.10 35.45 15.12
C LEU B 136 16.40 34.72 16.24
N PHE B 137 16.94 33.59 16.66
CA PHE B 137 16.22 32.74 17.60
C PHE B 137 16.33 33.20 19.04
N ASN B 138 17.06 34.29 19.27
CA ASN B 138 17.09 34.90 20.60
C ASN B 138 15.85 35.75 20.81
N SER B 139 15.16 36.07 19.72
CA SER B 139 13.88 36.74 19.80
C SER B 139 12.84 35.85 20.45
N ASN B 140 11.75 36.44 20.90
CA ASN B 140 10.66 35.69 21.48
C ASN B 140 9.37 35.87 20.70
N LYS B 141 9.46 36.43 19.50
CA LYS B 141 8.24 36.63 18.72
C LYS B 141 7.92 35.36 17.96
N PRO B 142 6.78 34.73 18.27
CA PRO B 142 6.36 33.47 17.67
C PRO B 142 6.41 33.48 16.14
N SER B 143 5.91 34.53 15.50
CA SER B 143 5.82 34.55 14.04
C SER B 143 7.22 34.61 13.44
N LEU B 144 8.13 35.30 14.12
CA LEU B 144 9.53 35.36 13.71
C LEU B 144 10.21 34.00 13.87
N ILE B 145 10.03 33.36 15.03
CA ILE B 145 10.59 32.04 15.24
C ILE B 145 10.05 31.08 14.19
N ARG B 146 8.72 31.09 14.02
CA ARG B 146 8.06 30.19 13.10
C ARG B 146 8.62 30.28 11.69
N THR B 147 8.67 31.50 11.15
CA THR B 147 9.17 31.73 9.80
C THR B 147 10.64 31.37 9.68
N ALA B 148 11.45 31.78 10.66
CA ALA B 148 12.87 31.49 10.62
C ALA B 148 13.15 29.99 10.63
N THR B 149 12.36 29.25 11.40
CA THR B 149 12.54 27.80 11.50
C THR B 149 12.25 27.16 10.14
N TRP B 150 11.23 27.69 9.47
CA TRP B 150 10.88 27.22 8.15
C TRP B 150 12.03 27.45 7.14
N THR B 151 12.64 28.62 7.21
CA THR B 151 13.77 28.93 6.36
C THR B 151 14.94 28.05 6.73
N LEU B 152 15.16 27.90 8.04
CA LEU B 152 16.24 27.08 8.54
C LEU B 152 16.09 25.65 8.03
N SER B 153 14.85 25.19 7.98
CA SER B 153 14.56 23.84 7.51
C SER B 153 14.91 23.71 6.03
N ASN B 154 14.58 24.73 5.25
CA ASN B 154 14.93 24.74 3.83
C ASN B 154 16.42 24.72 3.57
N LEU B 155 17.21 25.29 4.49
CA LEU B 155 18.66 25.32 4.33
C LEU B 155 19.27 23.96 4.63
N CYS B 156 18.60 23.18 5.48
CA CYS B 156 19.08 21.86 5.84
C CYS B 156 18.58 20.81 4.86
N ARG B 157 17.61 21.20 4.04
CA ARG B 157 16.91 20.24 3.19
C ARG B 157 17.71 19.84 1.96
N GLY B 158 17.69 18.55 1.65
CA GLY B 158 18.26 18.07 0.41
C GLY B 158 19.50 17.21 0.50
N LYS B 159 19.54 16.19 -0.34
CA LYS B 159 20.69 15.33 -0.55
C LYS B 159 20.99 15.44 -2.05
N LYS B 160 22.15 14.99 -2.48
CA LYS B 160 22.54 15.14 -3.90
C LYS B 160 22.32 16.56 -4.48
N PRO B 161 23.11 17.55 -4.03
CA PRO B 161 24.11 17.37 -2.98
C PRO B 161 23.57 17.75 -1.60
N GLN B 162 24.17 17.21 -0.54
CA GLN B 162 23.85 17.65 0.80
C GLN B 162 24.40 19.06 0.98
N PRO B 163 23.84 19.83 1.92
CA PRO B 163 24.39 21.17 2.17
C PRO B 163 25.72 21.06 2.93
N ASP B 164 26.48 22.13 2.97
CA ASP B 164 27.74 22.15 3.71
C ASP B 164 27.49 21.80 5.18
N TRP B 165 27.93 20.61 5.60
CA TRP B 165 27.67 20.13 6.95
C TRP B 165 28.32 21.01 8.02
N SER B 166 29.50 21.53 7.70
CA SER B 166 30.21 22.42 8.60
C SER B 166 29.41 23.68 8.89
N VAL B 167 28.50 24.03 7.99
CA VAL B 167 27.66 25.21 8.21
C VAL B 167 26.34 24.81 8.87
N VAL B 168 25.63 23.82 8.33
CA VAL B 168 24.30 23.52 8.86
C VAL B 168 24.31 22.81 10.23
N SER B 169 25.40 22.13 10.57
CA SER B 169 25.43 21.45 11.87
C SER B 169 25.48 22.44 13.02
N GLN B 170 25.84 23.68 12.71
CA GLN B 170 25.87 24.73 13.72
C GLN B 170 24.47 25.03 14.23
N ALA B 171 23.46 24.62 13.47
CA ALA B 171 22.07 24.88 13.80
C ALA B 171 21.49 23.86 14.76
N LEU B 172 22.25 22.81 15.06
CA LEU B 172 21.74 21.71 15.89
C LEU B 172 21.35 22.12 17.33
N PRO B 173 22.18 22.94 18.02
CA PRO B 173 21.76 23.37 19.36
C PRO B 173 20.46 24.17 19.36
N THR B 174 20.28 25.02 18.34
CA THR B 174 19.07 25.79 18.18
C THR B 174 17.87 24.87 17.98
N LEU B 175 18.04 23.91 17.08
CA LEU B 175 16.99 22.94 16.78
C LEU B 175 16.62 22.12 18.01
N ALA B 176 17.60 21.85 18.85
CA ALA B 176 17.38 21.07 20.07
C ALA B 176 16.40 21.77 20.99
N LYS B 177 16.52 23.08 21.07
CA LYS B 177 15.59 23.91 21.84
C LYS B 177 14.23 24.00 21.15
N LEU B 178 14.26 24.16 19.83
CA LEU B 178 13.03 24.40 19.06
C LEU B 178 12.01 23.26 19.07
N ILE B 179 12.45 22.03 19.32
CA ILE B 179 11.50 20.93 19.37
C ILE B 179 10.82 20.85 20.74
N TYR B 180 11.02 21.87 21.57
CA TYR B 180 10.27 22.00 22.81
C TYR B 180 9.22 23.09 22.67
N SER B 181 9.14 23.68 21.48
CA SER B 181 8.23 24.77 21.21
C SER B 181 6.77 24.36 21.36
N MET B 182 5.90 25.35 21.61
CA MET B 182 4.47 25.11 21.74
C MET B 182 3.77 25.37 20.41
N ASP B 183 4.49 25.94 19.47
CA ASP B 183 3.91 26.25 18.17
C ASP B 183 4.05 25.07 17.21
N THR B 184 2.93 24.48 16.86
CA THR B 184 2.89 23.28 16.03
C THR B 184 3.70 23.44 14.75
N GLU B 185 3.56 24.58 14.08
CA GLU B 185 4.29 24.83 12.83
C GLU B 185 5.78 24.91 13.08
N THR B 186 6.17 25.60 14.14
CA THR B 186 7.58 25.65 14.50
C THR B 186 8.10 24.25 14.76
N LEU B 187 7.36 23.49 15.55
CA LEU B 187 7.66 22.09 15.83
C LEU B 187 7.92 21.28 14.56
N VAL B 188 6.94 21.30 13.66
CA VAL B 188 6.98 20.51 12.43
C VAL B 188 8.24 20.79 11.62
N ASP B 189 8.50 22.05 11.32
CA ASP B 189 9.64 22.41 10.56
C ASP B 189 11.01 22.13 11.27
N ALA B 190 11.06 22.19 12.59
CA ALA B 190 12.28 21.85 13.30
C ALA B 190 12.53 20.34 13.22
N CYS B 191 11.48 19.54 13.31
CA CYS B 191 11.64 18.09 13.18
C CYS B 191 12.13 17.70 11.80
N TRP B 192 11.61 18.37 10.77
CA TRP B 192 12.07 18.12 9.41
C TRP B 192 13.57 18.45 9.28
N ALA B 193 13.98 19.58 9.82
CA ALA B 193 15.39 19.98 9.80
C ALA B 193 16.28 18.91 10.44
N ILE B 194 15.88 18.44 11.62
CA ILE B 194 16.61 17.40 12.34
C ILE B 194 16.61 16.09 11.54
N SER B 195 15.50 15.77 10.88
CA SER B 195 15.46 14.55 10.10
C SER B 195 16.44 14.61 8.91
N TYR B 196 16.64 15.81 8.34
CA TYR B 196 17.63 16.00 7.27
C TYR B 196 19.06 15.84 7.78
N LEU B 197 19.36 16.48 8.91
CA LEU B 197 20.71 16.49 9.46
C LEU B 197 21.13 15.14 10.05
N SER B 198 20.16 14.34 10.49
CA SER B 198 20.48 13.06 11.12
C SER B 198 20.66 11.97 10.06
N ASP B 199 20.35 12.30 8.82
CA ASP B 199 20.59 11.40 7.69
C ASP B 199 22.02 11.60 7.20
N GLY B 200 22.92 10.72 7.63
CA GLY B 200 24.32 10.87 7.34
C GLY B 200 25.15 9.84 8.06
N PRO B 201 26.48 10.02 8.06
CA PRO B 201 27.35 9.01 8.70
C PRO B 201 27.28 9.09 10.22
N GLN B 202 28.09 8.28 10.88
CA GLN B 202 28.15 8.20 12.33
C GLN B 202 28.32 9.56 13.00
N GLU B 203 29.13 10.43 12.42
CA GLU B 203 29.42 11.72 13.04
C GLU B 203 28.19 12.62 13.05
N ALA B 204 27.36 12.50 12.01
CA ALA B 204 26.15 13.29 11.94
C ALA B 204 25.17 12.85 13.03
N ILE B 205 24.98 11.54 13.13
CA ILE B 205 24.13 10.96 14.18
C ILE B 205 24.66 11.33 15.56
N GLN B 206 25.96 11.25 15.71
CA GLN B 206 26.58 11.56 17.00
C GLN B 206 26.36 13.02 17.36
N ALA B 207 26.45 13.89 16.35
CA ALA B 207 26.24 15.33 16.54
C ALA B 207 24.85 15.59 17.08
N VAL B 208 23.86 14.85 16.57
CA VAL B 208 22.49 14.97 17.01
C VAL B 208 22.31 14.44 18.42
N ILE B 209 22.96 13.33 18.73
CA ILE B 209 22.93 12.76 20.07
C ILE B 209 23.57 13.72 21.06
N ASP B 210 24.64 14.39 20.64
CA ASP B 210 25.41 15.25 21.54
C ASP B 210 24.62 16.43 22.11
N VAL B 211 23.60 16.90 21.38
CA VAL B 211 22.76 17.98 21.88
C VAL B 211 21.47 17.47 22.53
N ARG B 212 21.48 16.18 22.90
CA ARG B 212 20.41 15.54 23.68
C ARG B 212 19.04 15.60 22.98
N ILE B 213 19.05 15.61 21.66
CA ILE B 213 17.83 15.61 20.87
C ILE B 213 16.94 14.35 20.92
N PRO B 214 17.54 13.14 20.94
CA PRO B 214 16.68 11.94 20.85
C PRO B 214 15.53 11.82 21.87
N LYS B 215 15.76 12.15 23.13
CA LYS B 215 14.73 12.06 24.15
C LYS B 215 13.44 12.79 23.75
N ARG B 216 13.60 14.03 23.31
CA ARG B 216 12.44 14.83 22.89
C ARG B 216 11.83 14.33 21.58
N LEU B 217 12.67 13.85 20.66
CA LEU B 217 12.16 13.28 19.42
C LEU B 217 11.17 12.14 19.69
N VAL B 218 11.55 11.25 20.59
CA VAL B 218 10.73 10.09 20.89
C VAL B 218 9.41 10.51 21.55
N GLU B 219 9.45 11.54 22.39
CA GLU B 219 8.22 12.08 22.97
C GLU B 219 7.27 12.56 21.89
N LEU B 220 7.82 13.22 20.86
CA LEU B 220 7.03 13.79 19.78
C LEU B 220 6.45 12.72 18.85
N LEU B 221 6.87 11.47 19.03
CA LEU B 221 6.30 10.38 18.24
C LEU B 221 4.83 10.17 18.58
N SER B 222 4.41 10.64 19.77
CA SER B 222 3.02 10.49 20.18
C SER B 222 2.26 11.81 20.10
N HIS B 223 2.74 12.72 19.25
CA HIS B 223 2.03 13.96 19.00
C HIS B 223 0.75 13.60 18.25
N GLU B 224 -0.31 14.36 18.51
CA GLU B 224 -1.61 14.14 17.91
C GLU B 224 -1.58 14.15 16.39
N SER B 225 -0.71 14.99 15.83
CA SER B 225 -0.72 15.26 14.40
C SER B 225 0.38 14.51 13.65
N THR B 226 0.01 13.88 12.53
CA THR B 226 0.99 13.16 11.72
C THR B 226 1.97 14.11 11.05
N LEU B 227 1.69 15.41 11.10
CA LEU B 227 2.61 16.40 10.57
C LEU B 227 3.83 16.53 11.47
N VAL B 228 3.68 16.16 12.73
CA VAL B 228 4.81 16.11 13.66
C VAL B 228 5.40 14.70 13.70
N GLN B 229 4.55 13.70 13.76
CA GLN B 229 4.99 12.30 13.81
C GLN B 229 5.90 11.93 12.65
N THR B 230 5.52 12.33 11.44
CA THR B 230 6.27 11.94 10.25
C THR B 230 7.73 12.42 10.31
N PRO B 231 7.99 13.74 10.43
CA PRO B 231 9.41 14.10 10.47
C PRO B 231 10.13 13.61 11.72
N ALA B 232 9.43 13.49 12.85
CA ALA B 232 10.06 12.98 14.05
C ALA B 232 10.48 11.52 13.85
N LEU B 233 9.57 10.69 13.33
CA LEU B 233 9.86 9.28 13.07
C LEU B 233 11.01 9.11 12.07
N ARG B 234 11.03 9.96 11.06
CA ARG B 234 12.10 9.91 10.08
C ARG B 234 13.46 10.15 10.73
N ALA B 235 13.51 11.12 11.64
CA ALA B 235 14.75 11.42 12.35
C ALA B 235 15.14 10.27 13.29
N VAL B 236 14.16 9.77 14.04
CA VAL B 236 14.37 8.64 14.95
C VAL B 236 14.88 7.43 14.17
N GLY B 237 14.22 7.16 13.04
CA GLY B 237 14.64 6.10 12.15
C GLY B 237 16.06 6.29 11.67
N ASN B 238 16.39 7.52 11.30
CA ASN B 238 17.76 7.83 10.86
C ASN B 238 18.78 7.52 11.93
N ILE B 239 18.45 7.80 13.19
CA ILE B 239 19.44 7.62 14.24
C ILE B 239 19.76 6.13 14.46
N VAL B 240 18.75 5.27 14.48
CA VAL B 240 19.01 3.85 14.75
C VAL B 240 19.61 3.14 13.54
N THR B 241 19.89 3.94 12.52
CA THR B 241 20.67 3.53 11.37
C THR B 241 22.15 3.50 11.78
N GLY B 242 22.44 4.10 12.93
CA GLY B 242 23.79 4.16 13.46
C GLY B 242 24.21 2.89 14.19
N ASN B 243 25.35 2.95 14.90
CA ASN B 243 25.88 1.78 15.59
C ASN B 243 25.05 1.39 16.82
N ASP B 244 25.44 0.32 17.50
CA ASP B 244 24.66 -0.20 18.61
C ASP B 244 24.53 0.81 19.77
N LEU B 245 25.60 1.55 20.04
CA LEU B 245 25.56 2.53 21.12
C LEU B 245 24.58 3.66 20.81
N GLN B 246 24.69 4.21 19.60
CA GLN B 246 23.80 5.29 19.16
C GLN B 246 22.35 4.83 19.10
N THR B 247 22.13 3.60 18.65
CA THR B 247 20.81 3.01 18.60
C THR B 247 20.21 2.88 20.01
N GLN B 248 21.07 2.57 20.98
CA GLN B 248 20.64 2.42 22.36
C GLN B 248 20.11 3.71 22.98
N VAL B 249 20.61 4.84 22.50
CA VAL B 249 20.15 6.14 22.97
C VAL B 249 18.66 6.29 22.72
N VAL B 250 18.23 5.91 21.52
CA VAL B 250 16.82 6.01 21.14
C VAL B 250 15.96 5.01 21.94
N ILE B 251 16.50 3.82 22.14
CA ILE B 251 15.81 2.81 22.94
C ILE B 251 15.62 3.30 24.37
N ASN B 252 16.65 3.90 24.95
CA ASN B 252 16.57 4.44 26.31
C ASN B 252 15.55 5.55 26.45
N ALA B 253 15.21 6.20 25.33
CA ALA B 253 14.22 7.26 25.30
C ALA B 253 12.79 6.73 25.12
N GLY B 254 12.65 5.41 25.09
CA GLY B 254 11.34 4.79 25.04
C GLY B 254 10.73 4.70 23.66
N VAL B 255 11.56 4.51 22.63
CA VAL B 255 11.05 4.50 21.27
C VAL B 255 10.19 3.26 21.01
N LEU B 256 10.48 2.16 21.71
CA LEU B 256 9.83 0.89 21.42
C LEU B 256 8.32 0.88 21.75
N PRO B 257 7.91 1.37 22.94
CA PRO B 257 6.47 1.48 23.13
C PRO B 257 5.81 2.42 22.12
N ALA B 258 6.54 3.46 21.69
CA ALA B 258 6.00 4.43 20.75
C ALA B 258 5.79 3.81 19.38
N LEU B 259 6.74 2.97 18.98
CA LEU B 259 6.68 2.34 17.67
C LEU B 259 5.54 1.34 17.65
N ARG B 260 5.15 0.86 18.82
CA ARG B 260 3.99 -0.04 18.92
C ARG B 260 2.75 0.63 18.38
N LEU B 261 2.54 1.88 18.77
CA LEU B 261 1.35 2.60 18.33
C LEU B 261 1.40 2.93 16.85
N LEU B 262 2.58 3.34 16.38
CA LEU B 262 2.75 3.79 15.02
C LEU B 262 2.48 2.65 14.02
N LEU B 263 2.62 1.42 14.50
CA LEU B 263 2.35 0.24 13.70
C LEU B 263 0.88 0.13 13.25
N SER B 264 -0.01 0.89 13.90
CA SER B 264 -1.44 0.86 13.56
C SER B 264 -1.88 2.06 12.72
N SER B 265 -0.93 2.94 12.38
CA SER B 265 -1.25 4.21 11.74
C SER B 265 -1.99 4.07 10.43
N PRO B 266 -3.01 4.91 10.23
CA PRO B 266 -3.70 5.02 8.95
C PRO B 266 -2.78 5.53 7.85
N LYS B 267 -1.73 6.25 8.22
CA LYS B 267 -0.77 6.76 7.24
C LYS B 267 0.27 5.68 6.92
N GLU B 268 0.21 5.15 5.70
CA GLU B 268 1.02 4.00 5.33
C GLU B 268 2.52 4.24 5.53
N ASN B 269 2.96 5.45 5.21
CA ASN B 269 4.36 5.79 5.36
C ASN B 269 4.83 5.71 6.79
N ILE B 270 3.98 6.06 7.75
CA ILE B 270 4.36 5.92 9.16
C ILE B 270 4.48 4.43 9.54
N LYS B 271 3.51 3.61 9.12
CA LYS B 271 3.56 2.17 9.32
C LYS B 271 4.85 1.58 8.78
N LYS B 272 5.17 1.96 7.55
CA LYS B 272 6.35 1.45 6.87
C LYS B 272 7.63 1.93 7.54
N GLU B 273 7.67 3.22 7.89
CA GLU B 273 8.82 3.80 8.58
C GLU B 273 9.02 3.19 9.96
N ALA B 274 7.91 2.84 10.61
CA ALA B 274 7.99 2.19 11.91
C ALA B 274 8.65 0.81 11.78
N CYS B 275 8.26 0.05 10.76
CA CYS B 275 8.86 -1.27 10.50
C CYS B 275 10.35 -1.19 10.19
N TRP B 276 10.70 -0.24 9.34
CA TRP B 276 12.08 0.00 8.95
C TRP B 276 12.92 0.35 10.17
N THR B 277 12.41 1.30 10.96
CA THR B 277 13.06 1.69 12.20
C THR B 277 13.28 0.48 13.10
N ILE B 278 12.23 -0.31 13.30
CA ILE B 278 12.33 -1.50 14.13
C ILE B 278 13.35 -2.48 13.54
N SER B 279 13.38 -2.61 12.21
CA SER B 279 14.31 -3.55 11.57
C SER B 279 15.76 -3.18 11.83
N ASN B 280 16.03 -1.90 11.97
CA ASN B 280 17.39 -1.46 12.23
C ASN B 280 17.75 -1.60 13.69
N ILE B 281 16.75 -1.77 14.53
CA ILE B 281 16.96 -2.10 15.93
C ILE B 281 17.12 -3.61 16.13
N THR B 282 16.35 -4.41 15.39
CA THR B 282 16.51 -5.86 15.46
C THR B 282 17.76 -6.29 14.69
N ALA B 283 18.41 -5.34 14.04
CA ALA B 283 19.71 -5.54 13.40
C ALA B 283 20.85 -5.22 14.37
N GLY B 284 20.49 -4.88 15.60
CA GLY B 284 21.46 -4.57 16.63
C GLY B 284 21.92 -5.82 17.37
N ASN B 285 22.35 -5.62 18.62
CA ASN B 285 22.84 -6.74 19.41
C ASN B 285 21.69 -7.51 20.03
N THR B 286 22.03 -8.55 20.78
CA THR B 286 21.05 -9.48 21.34
C THR B 286 20.12 -8.80 22.33
N GLU B 287 20.67 -7.89 23.12
CA GLU B 287 19.90 -7.21 24.15
C GLU B 287 18.83 -6.35 23.49
N GLN B 288 19.13 -5.87 22.29
CA GLN B 288 18.25 -4.97 21.56
C GLN B 288 17.11 -5.69 20.84
N ILE B 289 17.40 -6.86 20.30
CA ILE B 289 16.35 -7.72 19.75
C ILE B 289 15.37 -8.09 20.87
N GLN B 290 15.93 -8.41 22.03
CA GLN B 290 15.14 -8.79 23.19
C GLN B 290 14.21 -7.67 23.63
N ALA B 291 14.71 -6.44 23.59
CA ALA B 291 13.93 -5.28 23.98
C ALA B 291 12.74 -5.11 23.05
N VAL B 292 12.93 -5.45 21.78
CA VAL B 292 11.85 -5.38 20.78
C VAL B 292 10.76 -6.41 21.12
N ILE B 293 11.19 -7.60 21.49
CA ILE B 293 10.28 -8.66 21.90
C ILE B 293 9.54 -8.25 23.16
N ASP B 294 10.27 -7.74 24.15
CA ASP B 294 9.67 -7.34 25.41
C ASP B 294 8.69 -6.18 25.25
N ALA B 295 8.88 -5.36 24.22
CA ALA B 295 7.99 -4.24 23.95
C ALA B 295 6.74 -4.70 23.21
N ASN B 296 6.68 -6.02 22.98
CA ASN B 296 5.54 -6.68 22.33
C ASN B 296 5.35 -6.23 20.88
N LEU B 297 6.44 -6.12 20.14
CA LEU B 297 6.37 -5.63 18.76
C LEU B 297 6.26 -6.74 17.73
N ILE B 298 6.54 -7.97 18.15
CA ILE B 298 6.53 -9.08 17.21
C ILE B 298 5.13 -9.44 16.69
N PRO B 299 4.13 -9.51 17.60
CA PRO B 299 2.81 -9.86 17.02
C PRO B 299 2.26 -8.86 15.98
N PRO B 300 2.35 -7.58 16.18
CA PRO B 300 1.97 -6.63 15.12
C PRO B 300 2.80 -6.72 13.84
N LEU B 301 4.09 -6.96 14.00
CA LEU B 301 5.00 -7.18 12.88
C LEU B 301 4.62 -8.42 12.10
N VAL B 302 4.24 -9.49 12.80
CA VAL B 302 3.91 -10.73 12.13
C VAL B 302 2.63 -10.55 11.32
N LYS B 303 1.69 -9.81 11.90
CA LYS B 303 0.43 -9.47 11.25
C LYS B 303 0.65 -8.63 9.99
N LEU B 304 1.59 -7.68 10.05
CA LEU B 304 1.92 -6.89 8.86
C LEU B 304 2.62 -7.72 7.80
N LEU B 305 3.50 -8.63 8.23
CA LEU B 305 4.19 -9.52 7.30
C LEU B 305 3.17 -10.37 6.55
N GLU B 306 2.01 -10.51 7.17
CA GLU B 306 0.96 -11.36 6.68
C GLU B 306 0.05 -10.67 5.66
N VAL B 307 -0.39 -9.46 5.98
CA VAL B 307 -1.50 -8.86 5.23
C VAL B 307 -1.28 -7.43 4.75
N ALA B 308 -0.17 -6.80 5.13
CA ALA B 308 0.06 -5.42 4.74
C ALA B 308 0.40 -5.34 3.26
N GLU B 309 0.40 -4.11 2.73
CA GLU B 309 0.82 -3.88 1.34
C GLU B 309 2.31 -4.22 1.21
N TYR B 310 2.69 -4.61 0.00
CA TYR B 310 4.02 -5.16 -0.26
C TYR B 310 5.21 -4.37 0.31
N LYS B 311 5.24 -3.04 0.15
CA LYS B 311 6.37 -2.25 0.63
C LYS B 311 6.46 -2.33 2.15
N THR B 312 5.32 -2.24 2.82
CA THR B 312 5.29 -2.35 4.27
C THR B 312 5.61 -3.77 4.71
N LYS B 313 5.10 -4.74 3.99
CA LYS B 313 5.33 -6.12 4.29
C LYS B 313 6.78 -6.47 4.21
N LYS B 314 7.48 -5.96 3.24
CA LYS B 314 8.92 -6.11 3.09
C LYS B 314 9.68 -5.69 4.33
N GLU B 315 9.32 -4.51 4.85
CA GLU B 315 9.99 -3.94 6.00
C GLU B 315 9.72 -4.76 7.24
N ALA B 316 8.49 -5.24 7.37
CA ALA B 316 8.13 -6.14 8.45
C ALA B 316 8.95 -7.41 8.33
N CYS B 317 9.18 -7.87 7.10
CA CYS B 317 10.02 -9.04 6.87
C CYS B 317 11.46 -8.80 7.34
N TRP B 318 12.04 -7.66 6.97
CA TRP B 318 13.38 -7.31 7.44
C TRP B 318 13.45 -7.31 8.96
N ALA B 319 12.46 -6.73 9.60
CA ALA B 319 12.48 -6.61 11.06
C ALA B 319 12.50 -7.98 11.73
N ILE B 320 11.64 -8.88 11.26
CA ILE B 320 11.52 -10.21 11.83
C ILE B 320 12.72 -11.09 11.46
N SER B 321 13.17 -10.98 10.21
CA SER B 321 14.33 -11.71 9.75
C SER B 321 15.61 -11.32 10.50
N ASN B 322 15.86 -10.02 10.64
CA ASN B 322 17.01 -9.54 11.42
C ASN B 322 16.99 -10.07 12.85
N ALA B 323 15.81 -10.02 13.47
CA ALA B 323 15.64 -10.50 14.83
C ALA B 323 16.04 -11.96 14.96
N SER B 324 15.78 -12.74 13.92
CA SER B 324 16.04 -14.18 13.95
C SER B 324 17.54 -14.51 13.96
N SER B 325 18.36 -13.57 13.51
CA SER B 325 19.80 -13.82 13.46
C SER B 325 20.41 -13.81 14.86
N GLY B 326 19.64 -13.33 15.83
CA GLY B 326 20.06 -13.37 17.22
C GLY B 326 19.80 -14.73 17.85
N GLY B 327 19.28 -15.67 17.07
CA GLY B 327 18.96 -16.98 17.57
C GLY B 327 20.20 -17.78 17.94
N LEU B 328 21.28 -17.50 17.23
CA LEU B 328 22.55 -18.15 17.50
C LEU B 328 23.08 -17.79 18.89
N GLN B 329 22.89 -16.55 19.29
CA GLN B 329 23.36 -16.09 20.60
C GLN B 329 22.46 -16.60 21.71
N ARG B 330 21.14 -16.46 21.56
CA ARG B 330 20.21 -17.11 22.48
C ARG B 330 18.98 -17.67 21.73
N PRO B 331 18.84 -19.00 21.76
CA PRO B 331 17.79 -19.75 21.04
C PRO B 331 16.36 -19.34 21.39
N ASP B 332 16.14 -18.78 22.58
CA ASP B 332 14.78 -18.40 22.99
C ASP B 332 14.15 -17.35 22.08
N ILE B 333 14.99 -16.54 21.43
CA ILE B 333 14.49 -15.57 20.47
C ILE B 333 13.78 -16.27 19.32
N ILE B 334 14.42 -17.29 18.76
CA ILE B 334 13.82 -18.07 17.69
C ILE B 334 12.56 -18.74 18.20
N ARG B 335 12.66 -19.33 19.38
CA ARG B 335 11.52 -19.95 20.05
C ARG B 335 10.32 -19.01 20.10
N TYR B 336 10.55 -17.77 20.54
CA TYR B 336 9.46 -16.81 20.65
C TYR B 336 8.90 -16.47 19.28
N LEU B 337 9.78 -16.19 18.33
CA LEU B 337 9.37 -15.84 16.97
C LEU B 337 8.48 -16.92 16.38
N VAL B 338 8.85 -18.17 16.60
CA VAL B 338 8.11 -19.32 16.09
C VAL B 338 6.76 -19.47 16.77
N SER B 339 6.73 -19.23 18.08
CA SER B 339 5.49 -19.34 18.84
C SER B 339 4.48 -18.26 18.44
N GLN B 340 4.97 -17.15 17.88
CA GLN B 340 4.11 -16.06 17.44
C GLN B 340 3.64 -16.23 15.98
N GLY B 341 3.94 -17.38 15.41
CA GLY B 341 3.44 -17.76 14.10
C GLY B 341 4.06 -17.02 12.93
N CYS B 342 5.38 -16.83 12.96
CA CYS B 342 6.08 -16.09 11.92
C CYS B 342 6.48 -16.96 10.73
N ILE B 343 6.48 -18.28 10.93
CA ILE B 343 7.02 -19.21 9.92
C ILE B 343 6.20 -19.23 8.64
N LYS B 344 4.89 -19.41 8.78
CA LYS B 344 3.99 -19.42 7.63
C LYS B 344 4.06 -18.12 6.82
N PRO B 345 3.96 -16.94 7.49
CA PRO B 345 4.03 -15.72 6.67
C PRO B 345 5.38 -15.52 5.99
N LEU B 346 6.46 -15.94 6.63
CA LEU B 346 7.77 -15.92 6.01
C LEU B 346 7.78 -16.79 4.75
N CYS B 347 7.28 -18.01 4.87
CA CYS B 347 7.23 -18.94 3.74
C CYS B 347 6.42 -18.38 2.57
N ASP B 348 5.22 -17.90 2.87
CA ASP B 348 4.33 -17.39 1.84
C ASP B 348 4.91 -16.20 1.11
N LEU B 349 5.81 -15.50 1.77
CA LEU B 349 6.44 -14.33 1.16
C LEU B 349 7.44 -14.72 0.06
N LEU B 350 7.97 -15.94 0.15
CA LEU B 350 8.99 -16.42 -0.79
C LEU B 350 8.53 -16.34 -2.24
N GLU B 351 7.23 -16.49 -2.45
CA GLU B 351 6.68 -16.46 -3.79
C GLU B 351 6.62 -15.06 -4.36
N ILE B 352 5.76 -14.22 -3.79
CA ILE B 352 5.47 -12.90 -4.32
C ILE B 352 6.65 -11.91 -4.27
N ALA B 353 7.67 -12.21 -3.47
CA ALA B 353 8.71 -11.22 -3.18
C ALA B 353 9.81 -11.15 -4.25
N ASP B 354 10.50 -10.02 -4.28
CA ASP B 354 11.67 -9.82 -5.14
C ASP B 354 12.88 -10.59 -4.61
N ASN B 355 13.94 -10.62 -5.41
CA ASN B 355 15.12 -11.44 -5.09
C ASN B 355 15.79 -11.05 -3.78
N ARG B 356 15.79 -9.76 -3.46
CA ARG B 356 16.44 -9.33 -2.22
C ARG B 356 15.65 -9.86 -1.02
N ILE B 357 14.34 -9.72 -1.06
CA ILE B 357 13.49 -10.19 0.04
C ILE B 357 13.51 -11.71 0.15
N ILE B 358 13.52 -12.40 -0.99
CA ILE B 358 13.63 -13.85 -1.00
C ILE B 358 14.89 -14.26 -0.24
N GLU B 359 15.99 -13.53 -0.49
CA GLU B 359 17.25 -13.80 0.18
C GLU B 359 17.11 -13.59 1.70
N VAL B 360 16.48 -12.48 2.07
CA VAL B 360 16.24 -12.13 3.46
C VAL B 360 15.39 -13.16 4.18
N THR B 361 14.34 -13.61 3.51
CA THR B 361 13.42 -14.62 4.03
C THR B 361 14.08 -16.00 4.20
N LEU B 362 14.92 -16.39 3.24
CA LEU B 362 15.65 -17.64 3.32
C LEU B 362 16.57 -17.63 4.53
N ASP B 363 17.25 -16.51 4.73
CA ASP B 363 18.14 -16.34 5.87
C ASP B 363 17.41 -16.56 7.17
N ALA B 364 16.22 -15.96 7.29
CA ALA B 364 15.43 -16.04 8.51
C ALA B 364 14.99 -17.48 8.78
N LEU B 365 14.54 -18.17 7.74
CA LEU B 365 14.10 -19.55 7.85
C LEU B 365 15.26 -20.49 8.21
N GLU B 366 16.43 -20.23 7.64
CA GLU B 366 17.61 -21.04 7.93
C GLU B 366 18.05 -20.88 9.38
N ASN B 367 17.89 -19.68 9.93
CA ASN B 367 18.16 -19.43 11.35
C ASN B 367 17.20 -20.21 12.24
N ILE B 368 15.93 -20.20 11.86
CA ILE B 368 14.89 -20.93 12.57
C ILE B 368 15.19 -22.44 12.54
N LEU B 369 15.76 -22.91 11.42
CA LEU B 369 16.08 -24.31 11.27
C LEU B 369 17.35 -24.72 12.00
N LYS B 370 18.40 -23.90 11.89
CA LYS B 370 19.64 -24.13 12.61
C LYS B 370 19.38 -24.30 14.10
N MET B 371 18.55 -23.41 14.64
CA MET B 371 18.18 -23.45 16.04
C MET B 371 17.39 -24.72 16.33
N GLY B 372 16.56 -25.13 15.38
CA GLY B 372 15.74 -26.33 15.53
C GLY B 372 16.57 -27.60 15.57
N GLU B 373 17.65 -27.63 14.78
CA GLU B 373 18.58 -28.76 14.79
C GLU B 373 19.37 -28.74 16.10
N ALA B 374 19.80 -27.55 16.50
CA ALA B 374 20.48 -27.36 17.77
C ALA B 374 19.58 -27.82 18.91
N ASP B 375 18.27 -27.74 18.69
CA ASP B 375 17.29 -28.13 19.69
C ASP B 375 17.02 -29.64 19.66
N LYS B 376 17.77 -30.37 18.84
CA LYS B 376 17.68 -31.83 18.86
C LYS B 376 18.82 -32.46 19.66
N GLU B 377 20.06 -32.13 19.31
CA GLU B 377 21.24 -32.63 20.02
C GLU B 377 21.23 -32.21 21.50
N ALA B 378 20.92 -30.94 21.76
CA ALA B 378 20.99 -30.38 23.10
C ALA B 378 20.05 -31.06 24.12
N ARG B 379 19.04 -31.78 23.63
CA ARG B 379 18.07 -32.41 24.53
C ARG B 379 17.59 -33.80 24.08
N GLY B 380 17.95 -34.20 22.86
CA GLY B 380 17.64 -35.54 22.37
C GLY B 380 16.32 -35.62 21.63
N LEU B 381 16.40 -35.64 20.31
CA LEU B 381 15.20 -35.61 19.47
C LEU B 381 15.46 -36.29 18.12
N ASN B 382 14.40 -36.75 17.47
CA ASN B 382 14.56 -37.47 16.21
C ASN B 382 14.25 -36.57 15.01
N ILE B 383 13.39 -35.59 15.22
CA ILE B 383 12.97 -34.68 14.16
C ILE B 383 12.99 -33.22 14.62
N ASN B 384 13.49 -32.36 13.74
CA ASN B 384 13.52 -30.92 13.92
C ASN B 384 12.11 -30.30 13.90
N GLU B 385 11.62 -29.85 15.05
CA GLU B 385 10.27 -29.29 15.16
C GLU B 385 9.99 -28.13 14.22
N ASN B 386 10.98 -27.26 14.03
CA ASN B 386 10.80 -26.12 13.13
C ASN B 386 10.71 -26.56 11.68
N ALA B 387 11.47 -27.61 11.34
CA ALA B 387 11.36 -28.23 10.03
C ALA B 387 9.95 -28.79 9.85
N ASP B 388 9.37 -29.29 10.94
CA ASP B 388 8.00 -29.78 10.95
C ASP B 388 7.03 -28.64 10.66
N PHE B 389 7.16 -27.55 11.41
CA PHE B 389 6.33 -26.36 11.21
C PHE B 389 6.38 -25.85 9.77
N ILE B 390 7.59 -25.73 9.23
CA ILE B 390 7.78 -25.22 7.86
C ILE B 390 7.07 -26.08 6.80
N GLU B 391 7.20 -27.39 6.94
CA GLU B 391 6.50 -28.32 6.04
C GLU B 391 5.00 -28.18 6.22
N LYS B 392 4.56 -28.18 7.48
CA LYS B 392 3.15 -27.95 7.83
C LYS B 392 2.58 -26.66 7.25
N ALA B 393 3.40 -25.61 7.21
CA ALA B 393 2.97 -24.32 6.66
C ALA B 393 3.03 -24.30 5.14
N GLY B 394 3.38 -25.43 4.55
CA GLY B 394 3.49 -25.55 3.11
C GLY B 394 4.76 -24.92 2.55
N GLY B 395 5.63 -24.50 3.46
CA GLY B 395 6.85 -23.81 3.09
C GLY B 395 7.94 -24.67 2.48
N MET B 396 7.86 -25.97 2.73
CA MET B 396 8.88 -26.90 2.27
C MET B 396 9.03 -26.84 0.74
N GLU B 397 7.90 -26.92 0.05
CA GLU B 397 7.89 -26.85 -1.40
C GLU B 397 8.30 -25.48 -1.91
N LYS B 398 7.83 -24.42 -1.24
CA LYS B 398 8.13 -23.05 -1.62
C LYS B 398 9.63 -22.76 -1.54
N ILE B 399 10.30 -23.33 -0.55
CA ILE B 399 11.75 -23.20 -0.45
C ILE B 399 12.42 -23.91 -1.62
N PHE B 400 11.92 -25.10 -1.92
CA PHE B 400 12.41 -25.88 -3.07
C PHE B 400 12.21 -25.13 -4.38
N ASN B 401 11.05 -24.52 -4.55
CA ASN B 401 10.74 -23.81 -5.77
C ASN B 401 11.69 -22.65 -6.01
N CYS B 402 12.38 -22.22 -4.96
CA CYS B 402 13.34 -21.12 -5.06
C CYS B 402 14.59 -21.55 -5.81
N GLN B 403 14.81 -22.85 -5.96
CA GLN B 403 15.97 -23.38 -6.68
C GLN B 403 15.91 -23.07 -8.17
N GLN B 404 14.73 -22.69 -8.65
CA GLN B 404 14.57 -22.35 -10.07
C GLN B 404 14.83 -20.86 -10.31
N ASN B 405 15.78 -20.29 -9.57
CA ASN B 405 16.06 -18.86 -9.66
C ASN B 405 17.38 -18.56 -10.38
N GLU B 406 17.34 -17.55 -11.25
CA GLU B 406 18.51 -17.08 -11.99
C GLU B 406 19.69 -16.78 -11.07
N ASN B 407 19.39 -16.15 -9.94
CA ASN B 407 20.40 -15.75 -8.98
C ASN B 407 21.08 -16.95 -8.33
N ASP B 408 22.41 -16.99 -8.40
CA ASP B 408 23.18 -18.10 -7.83
C ASP B 408 23.08 -18.14 -6.31
N LYS B 409 23.09 -16.97 -5.69
CA LYS B 409 23.05 -16.87 -4.23
C LYS B 409 21.77 -17.48 -3.70
N ILE B 410 20.66 -17.17 -4.36
CA ILE B 410 19.35 -17.69 -3.96
C ILE B 410 19.25 -19.20 -4.19
N TYR B 411 19.70 -19.65 -5.36
CA TYR B 411 19.69 -21.07 -5.69
C TYR B 411 20.53 -21.86 -4.69
N GLU B 412 21.77 -21.44 -4.51
CA GLU B 412 22.70 -22.12 -3.61
C GLU B 412 22.17 -22.19 -2.18
N LYS B 413 21.55 -21.11 -1.72
CA LYS B 413 21.03 -21.06 -0.36
C LYS B 413 19.82 -21.97 -0.23
N ALA B 414 18.91 -21.92 -1.20
CA ALA B 414 17.71 -22.76 -1.18
C ALA B 414 18.07 -24.24 -1.34
N TYR B 415 19.13 -24.51 -2.09
CA TYR B 415 19.60 -25.87 -2.31
C TYR B 415 20.21 -26.42 -1.02
N LYS B 416 21.05 -25.62 -0.38
CA LYS B 416 21.76 -26.06 0.82
C LYS B 416 20.80 -26.37 1.96
N ILE B 417 19.72 -25.61 2.07
CA ILE B 417 18.79 -25.78 3.18
C ILE B 417 17.85 -26.97 2.94
N ILE B 418 17.40 -27.15 1.71
CA ILE B 418 16.54 -28.27 1.35
C ILE B 418 17.24 -29.59 1.63
N GLU B 419 18.51 -29.67 1.29
CA GLU B 419 19.26 -30.91 1.42
C GLU B 419 19.73 -31.14 2.85
N THR B 420 19.83 -30.07 3.63
CA THR B 420 20.29 -30.18 5.02
C THR B 420 19.17 -30.58 5.97
N TYR B 421 17.96 -30.07 5.74
CA TYR B 421 16.84 -30.25 6.68
C TYR B 421 15.68 -31.06 6.10
N PHE B 422 15.69 -31.27 4.79
CA PHE B 422 14.61 -32.01 4.15
C PHE B 422 15.17 -33.08 3.21
N LEU C 3 -21.06 14.38 -21.25
CA LEU C 3 -20.85 13.30 -20.28
C LEU C 3 -22.17 12.57 -19.98
N GLY C 4 -22.39 12.20 -18.73
CA GLY C 4 -23.45 11.29 -18.38
C GLY C 4 -22.94 9.85 -18.46
N SER C 5 -21.67 9.72 -18.85
CA SER C 5 -21.02 8.42 -18.96
C SER C 5 -20.87 7.73 -17.61
N THR C 6 -20.83 6.40 -17.62
CA THR C 6 -20.82 5.64 -16.37
C THR C 6 -19.45 5.65 -15.68
N ASN C 7 -19.47 5.74 -14.35
CA ASN C 7 -18.27 5.59 -13.53
C ASN C 7 -18.17 4.22 -12.89
N LYS C 8 -19.02 3.29 -13.30
CA LYS C 8 -18.95 1.91 -12.85
C LYS C 8 -17.70 1.25 -13.41
N ARG C 9 -16.88 0.68 -12.54
CA ARG C 9 -15.66 0.02 -12.97
C ARG C 9 -15.67 -1.47 -12.59
N LYS C 10 -15.58 -2.33 -13.61
CA LYS C 10 -15.47 -3.76 -13.38
C LYS C 10 -14.15 -4.07 -12.70
N ARG C 11 -14.05 -5.29 -12.19
CA ARG C 11 -12.90 -5.71 -11.40
C ARG C 11 -11.54 -5.53 -12.08
N GLU C 12 -11.42 -5.82 -13.36
CA GLU C 12 -10.09 -5.81 -13.97
C GLU C 12 -9.59 -4.39 -14.27
N GLN C 13 -10.47 -3.48 -14.67
CA GLN C 13 -10.08 -2.12 -15.03
C GLN C 13 -9.91 -1.28 -13.78
N ILE C 14 -10.25 -1.87 -12.64
CA ILE C 14 -10.16 -1.19 -11.37
C ILE C 14 -9.51 -2.10 -10.34
N SER C 15 -9.84 -1.89 -9.07
CA SER C 15 -9.16 -2.55 -7.96
C SER C 15 -7.67 -2.42 -8.24
N THR C 16 -7.25 -1.17 -8.44
CA THR C 16 -6.04 -0.84 -9.19
C THR C 16 -4.78 -1.63 -8.81
N ASP C 17 -3.85 -1.67 -9.76
CA ASP C 17 -2.90 -2.77 -9.90
C ASP C 17 -1.49 -2.60 -9.35
N ASN C 18 -0.88 -3.75 -9.05
CA ASN C 18 0.56 -3.85 -8.85
C ASN C 18 1.03 -5.28 -9.08
N GLU C 19 2.33 -5.42 -9.35
CA GLU C 19 2.98 -6.72 -9.47
C GLU C 19 2.64 -7.60 -8.27
N ALA C 20 2.93 -7.09 -7.07
CA ALA C 20 2.75 -7.87 -5.84
C ALA C 20 1.29 -8.23 -5.60
N LYS C 21 0.44 -7.22 -5.45
CA LYS C 21 -0.98 -7.39 -5.09
C LYS C 21 -1.70 -8.47 -5.91
N MET C 22 -1.36 -8.54 -7.20
CA MET C 22 -1.94 -9.54 -8.09
C MET C 22 -1.37 -10.94 -7.83
N GLN C 23 -0.22 -10.98 -7.17
CA GLN C 23 0.40 -12.22 -6.73
C GLN C 23 -0.13 -12.60 -5.36
N ILE C 24 -0.03 -11.68 -4.42
CA ILE C 24 -0.40 -11.99 -3.03
C ILE C 24 -1.90 -12.24 -2.94
N GLN C 25 -2.73 -11.29 -3.36
CA GLN C 25 -4.16 -11.56 -3.41
C GLN C 25 -4.51 -12.20 -4.74
N GLU C 26 -3.51 -12.88 -5.29
CA GLU C 26 -3.76 -14.17 -5.85
C GLU C 26 -4.36 -14.96 -4.75
N GLU C 27 -4.12 -14.53 -3.53
CA GLU C 27 -4.36 -15.44 -2.43
C GLU C 27 -5.67 -16.07 -2.77
N LYS C 28 -5.58 -17.30 -3.27
CA LYS C 28 -6.74 -18.10 -3.58
C LYS C 28 -6.40 -19.52 -3.19
N SER C 29 -7.42 -20.32 -2.92
CA SER C 29 -7.18 -21.65 -2.41
C SER C 29 -6.40 -22.41 -3.48
N PRO C 30 -5.41 -23.17 -3.06
CA PRO C 30 -4.33 -23.57 -3.97
C PRO C 30 -4.88 -24.41 -5.09
N LYS C 31 -4.39 -24.25 -6.31
CA LYS C 31 -5.01 -24.88 -7.45
C LYS C 31 -4.98 -26.40 -7.36
N LYS C 32 -3.87 -26.96 -6.89
CA LYS C 32 -3.75 -28.40 -6.77
C LYS C 32 -3.35 -28.82 -5.37
N LYS C 33 -3.86 -29.98 -4.94
CA LYS C 33 -3.50 -30.55 -3.65
C LYS C 33 -3.09 -32.01 -3.84
N ARG C 34 -2.22 -32.49 -2.96
CA ARG C 34 -1.79 -33.88 -3.01
C ARG C 34 -2.17 -34.59 -1.71
N LYS C 35 -2.85 -35.73 -1.83
CA LYS C 35 -3.32 -36.45 -0.65
C LYS C 35 -2.20 -37.23 0.02
N LYS C 36 -1.99 -36.99 1.31
CA LYS C 36 -0.95 -37.67 2.07
C LYS C 36 -1.55 -38.69 3.04
N ARG C 37 -0.68 -39.32 3.84
CA ARG C 37 -1.11 -40.38 4.75
C ARG C 37 -2.07 -39.87 5.83
N THR D 6 26.95 -6.07 8.32
CA THR D 6 25.87 -5.43 9.08
C THR D 6 24.51 -5.57 8.39
N ASN D 7 23.44 -5.48 9.18
CA ASN D 7 22.09 -5.52 8.61
C ASN D 7 21.42 -4.16 8.63
N LYS D 8 22.17 -3.14 9.06
CA LYS D 8 21.68 -1.78 9.08
C LYS D 8 21.45 -1.29 7.67
N ARG D 9 20.29 -0.67 7.42
CA ARG D 9 19.96 -0.15 6.11
C ARG D 9 19.68 1.35 6.16
N LYS D 10 20.47 2.14 5.44
CA LYS D 10 20.30 3.59 5.44
C LYS D 10 18.97 3.97 4.84
N ARG D 11 18.56 5.21 5.09
CA ARG D 11 17.25 5.70 4.69
C ARG D 11 16.99 5.49 3.20
N GLU D 12 17.99 5.76 2.39
CA GLU D 12 17.86 5.75 0.93
C GLU D 12 17.29 4.43 0.39
N GLN D 13 18.15 3.45 0.13
CA GLN D 13 17.71 2.21 -0.53
C GLN D 13 16.75 1.38 0.34
N ILE D 14 16.47 1.86 1.54
CA ILE D 14 15.62 1.16 2.50
C ILE D 14 14.23 0.85 1.96
N SER D 15 13.31 1.77 2.20
CA SER D 15 11.89 1.54 1.92
C SER D 15 11.62 1.32 0.44
N SER D 29 7.06 18.86 3.12
CA SER D 29 6.58 20.19 3.49
C SER D 29 6.40 21.08 2.27
N PRO D 30 6.31 22.39 2.48
CA PRO D 30 6.15 23.33 1.35
C PRO D 30 7.41 24.14 1.08
N LYS D 31 7.92 24.04 -0.14
CA LYS D 31 9.15 24.70 -0.51
C LYS D 31 9.07 26.19 -0.47
N LYS D 32 7.95 26.75 -0.89
CA LYS D 32 7.83 28.19 -1.03
C LYS D 32 6.53 28.71 -0.46
N LYS D 33 6.50 29.97 -0.09
CA LYS D 33 5.29 30.56 0.41
C LYS D 33 5.11 32.00 0.03
N ARG D 34 3.93 32.33 -0.45
CA ARG D 34 3.59 33.72 -0.71
C ARG D 34 3.04 34.35 0.57
N LYS D 35 3.46 35.57 0.85
CA LYS D 35 2.89 36.32 1.97
C LYS D 35 1.68 37.11 1.49
N LYS D 36 0.51 36.73 2.00
CA LYS D 36 -0.74 37.35 1.56
C LYS D 36 -1.25 38.34 2.60
N ARG D 37 -2.28 39.09 2.25
CA ARG D 37 -2.91 40.02 3.20
C ARG D 37 -4.39 39.72 3.35
#